data_6Q5E
#
_entry.id   6Q5E
#
_cell.length_a   85.630
_cell.length_b   159.260
_cell.length_c   78.610
_cell.angle_alpha   90.00
_cell.angle_beta   90.00
_cell.angle_gamma   90.00
#
_symmetry.space_group_name_H-M   'P 21 21 2'
#
loop_
_entity.id
_entity.type
_entity.pdbx_description
1 polymer 'Ferric enterobactin receptor'
2 non-polymer 'FE (III) ION'
3 non-polymer "N,N',N''-[(3S,7S,11S)-2,6,10-trioxo-1,5,9-trioxacyclododecane-3,7,11-triyl]tris(2,3-dihydroxybenzamide)"
4 non-polymer '(R)-((2R,3S,4R,5R,6R)-3-HYDROXY-2-(HYDROXYMETHYL)-5-((R)-3-HYDROXYTETRADECANAMIDO)-6-(PHOSPHONOOXY)TETRAHYDRO-2H-PYRAN-4-YL) 3-HYDROXYTETRADECANOATE'
5 water water
#
_entity_poly.entity_id   1
_entity_poly.type   'polypeptide(L)'
_entity_poly.pdbx_seq_one_letter_code
;AGQGDGSVIELGEQTVVATAQEETKQAPGVSIITAEDIAKRPPSNDLSQIIRTMPGVNLTGNSSSGQRGNNRQIDIRGMG
PENTLILVDGKPVSSRNSVRYGWRGERDSRGDTNWVPADQVERIEVIRGPAAARYGNGAAGGVVNIITKQAGAETHGNLS
VYSNFPQHKAEGASERMSFGLNGPLTENLSYRVYGNIAKTDSDDWDINAGHESNRTGKQAGTLPAGREGVRNKDIDGLLS
WRLTPEQTLEFEAGFSRQGNIYTGDTQNTNSNNYVKQMLGHETNRMYRETYSVTHRGEWDFGSSLAYLQYEKTRNSRINE
GLAGGTEGIFDPNNAGFYTATLRDLTAHGEVNLPLHLGYEQTLTLGSEWTEQKLDDPSSNTQNTEEGGSIPGLAGKNRSS
SSSARIFSLFAEDNIELMPGTMLTPGLRWDHHDIVGDNWSPSLNLSHALTERVTLKAGIARAYKAPNLYQLNPDYLLYSR
GQGCYGQSTSCYLRGNDGLKAETSVNKELGIEYSHDGLVAGLTYFRNDYKNKIESGLSPVDHASGGKGDYANAAIYQWEN
VPKAVVEGLEGTLTLPLADGLKWSNNLTYMLQSKNKETGDVLSVTPRYTLNSMLDWQATDDLSLQATVTWYGKQKPKKYD
YHGDRVTGSANDQLSPYAIAGLGGTYRLSKNLSLGAGVDNLFDKRLFRAGNAQGVVGIDGAGAATYNEPGRTFYTSLTAS
F
;
_entity_poly.pdbx_strand_id   A
#
# COMPACT_ATOMS: atom_id res chain seq x y z
N THR A 24 -15.44 -11.91 16.48
CA THR A 24 -15.74 -11.53 15.07
C THR A 24 -14.43 -11.13 14.37
N LYS A 25 -14.42 -11.22 13.03
CA LYS A 25 -13.29 -10.81 12.16
C LYS A 25 -13.48 -9.34 11.77
N GLN A 26 -14.66 -8.77 12.04
CA GLN A 26 -15.04 -7.38 11.66
C GLN A 26 -15.75 -6.68 12.82
N ALA A 27 -15.05 -5.74 13.46
CA ALA A 27 -15.65 -4.70 14.35
C ALA A 27 -15.66 -3.40 13.55
N PRO A 28 -16.35 -2.35 14.05
CA PRO A 28 -16.31 -1.04 13.40
C PRO A 28 -14.89 -0.45 13.39
N GLY A 29 -14.38 -0.21 12.18
CA GLY A 29 -13.08 0.42 11.92
C GLY A 29 -11.95 -0.61 11.83
N VAL A 30 -12.21 -1.87 12.14
CA VAL A 30 -11.14 -2.90 12.32
C VAL A 30 -11.54 -4.20 11.64
N SER A 31 -10.54 -4.89 11.09
CA SER A 31 -10.67 -6.21 10.41
C SER A 31 -9.48 -7.09 10.76
N ILE A 32 -9.72 -8.35 11.15
CA ILE A 32 -8.70 -9.42 11.22
C ILE A 32 -8.91 -10.33 10.00
N ILE A 33 -7.83 -10.64 9.28
CA ILE A 33 -7.75 -11.81 8.36
C ILE A 33 -6.89 -12.88 9.02
N THR A 34 -7.42 -14.10 9.21
CA THR A 34 -6.72 -15.21 9.91
C THR A 34 -5.93 -16.06 8.90
N ALA A 35 -5.12 -16.98 9.41
CA ALA A 35 -4.38 -17.97 8.62
C ALA A 35 -5.38 -18.83 7.83
N GLU A 36 -6.47 -19.21 8.47
CA GLU A 36 -7.56 -20.02 7.86
C GLU A 36 -8.17 -19.28 6.65
N ASP A 37 -8.32 -17.96 6.69
CA ASP A 37 -8.88 -17.19 5.55
C ASP A 37 -7.87 -17.21 4.40
N ILE A 38 -6.58 -17.08 4.70
CA ILE A 38 -5.50 -17.07 3.68
C ILE A 38 -5.50 -18.40 2.93
N ALA A 39 -5.92 -19.48 3.59
CA ALA A 39 -5.87 -20.85 3.05
C ALA A 39 -7.06 -21.09 2.13
N LYS A 40 -8.17 -20.38 2.34
CA LYS A 40 -9.45 -20.69 1.65
C LYS A 40 -9.63 -19.76 0.44
N ARG A 41 -8.93 -18.62 0.46
CA ARG A 41 -8.82 -17.68 -0.68
C ARG A 41 -7.33 -17.41 -0.90
N PRO A 42 -6.57 -18.44 -1.33
CA PRO A 42 -5.14 -18.32 -1.56
C PRO A 42 -4.76 -17.20 -2.52
N PRO A 43 -3.85 -16.29 -2.10
CA PRO A 43 -3.34 -15.27 -3.02
C PRO A 43 -2.33 -15.88 -4.00
N SER A 44 -2.31 -15.39 -5.25
CA SER A 44 -1.28 -15.77 -6.25
C SER A 44 0.09 -15.65 -5.59
N ASN A 45 0.38 -14.48 -5.00
CA ASN A 45 1.73 -14.11 -4.51
C ASN A 45 1.62 -13.03 -3.44
N ASP A 46 1.33 -11.80 -3.85
CA ASP A 46 1.17 -10.59 -3.00
C ASP A 46 -0.09 -10.68 -2.13
N LEU A 47 -0.04 -10.20 -0.89
CA LEU A 47 -1.17 -10.26 0.07
C LEU A 47 -2.22 -9.21 -0.28
N SER A 48 -1.90 -8.20 -1.09
CA SER A 48 -2.89 -7.13 -1.37
C SER A 48 -4.17 -7.82 -1.85
N GLN A 49 -4.00 -8.97 -2.53
CA GLN A 49 -5.13 -9.71 -3.14
C GLN A 49 -6.19 -10.02 -2.07
N ILE A 50 -5.78 -10.38 -0.85
CA ILE A 50 -6.76 -10.75 0.21
C ILE A 50 -7.00 -9.56 1.16
N ILE A 51 -5.97 -8.74 1.40
CA ILE A 51 -6.10 -7.55 2.29
C ILE A 51 -7.20 -6.64 1.73
N ARG A 52 -7.33 -6.54 0.41
CA ARG A 52 -8.20 -5.55 -0.30
C ARG A 52 -9.69 -5.86 -0.14
N THR A 53 -10.02 -7.07 0.34
CA THR A 53 -11.40 -7.58 0.47
C THR A 53 -12.00 -7.12 1.78
N MET A 54 -11.20 -6.50 2.65
CA MET A 54 -11.74 -5.96 3.92
C MET A 54 -12.55 -4.72 3.59
N PRO A 55 -13.57 -4.43 4.44
CA PRO A 55 -14.31 -3.19 4.33
C PRO A 55 -13.35 -1.98 4.44
N GLY A 56 -13.58 -0.97 3.61
CA GLY A 56 -12.87 0.32 3.66
C GLY A 56 -11.60 0.27 2.83
N VAL A 57 -11.29 -0.88 2.26
CA VAL A 57 -9.97 -1.06 1.58
C VAL A 57 -10.18 -1.24 0.08
N ASN A 58 -9.39 -0.51 -0.71
CA ASN A 58 -9.38 -0.54 -2.19
C ASN A 58 -7.95 -0.87 -2.63
N LEU A 59 -7.78 -1.17 -3.92
CA LEU A 59 -6.47 -1.41 -4.55
C LEU A 59 -6.34 -0.41 -5.69
N THR A 60 -5.62 0.68 -5.45
CA THR A 60 -5.61 1.89 -6.31
C THR A 60 -4.18 2.42 -6.44
N GLY A 61 -3.98 3.30 -7.42
CA GLY A 61 -2.79 4.19 -7.52
C GLY A 61 -2.93 5.32 -6.52
N ASN A 62 -1.92 6.17 -6.42
CA ASN A 62 -1.86 7.19 -5.34
C ASN A 62 -2.66 8.44 -5.73
N SER A 63 -2.54 8.88 -6.98
CA SER A 63 -3.35 9.97 -7.56
C SER A 63 -4.11 9.41 -8.76
N SER A 64 -4.44 10.23 -9.76
CA SER A 64 -5.46 9.89 -10.79
C SER A 64 -4.87 9.86 -12.20
N SER A 65 -3.56 9.99 -12.37
CA SER A 65 -2.90 10.00 -13.70
C SER A 65 -3.12 8.66 -14.42
N GLY A 66 -3.17 7.56 -13.68
CA GLY A 66 -3.27 6.20 -14.24
C GLY A 66 -1.91 5.66 -14.59
N GLN A 67 -0.86 6.50 -14.45
CA GLN A 67 0.56 6.11 -14.62
C GLN A 67 0.88 4.94 -13.69
N ARG A 68 1.58 3.93 -14.21
CA ARG A 68 1.97 2.74 -13.44
C ARG A 68 0.70 2.12 -12.86
N GLY A 69 -0.37 2.12 -13.66
CA GLY A 69 -1.75 1.73 -13.29
C GLY A 69 -1.94 0.24 -13.01
N ASN A 70 -1.06 -0.62 -13.49
CA ASN A 70 -1.13 -2.07 -13.17
C ASN A 70 -0.31 -2.32 -11.89
N ASN A 71 0.24 -1.28 -11.29
CA ASN A 71 1.04 -1.37 -10.05
C ASN A 71 0.22 -0.82 -8.88
N ARG A 72 -0.98 -1.32 -8.65
CA ARG A 72 -1.93 -0.80 -7.63
C ARG A 72 -1.59 -1.40 -6.27
N GLN A 73 -1.79 -0.61 -5.22
CA GLN A 73 -1.39 -0.91 -3.83
C GLN A 73 -2.60 -0.66 -2.91
N ILE A 74 -2.50 -1.08 -1.65
CA ILE A 74 -3.62 -1.06 -0.67
C ILE A 74 -3.92 0.38 -0.27
N ASP A 75 -5.17 0.79 -0.41
CA ASP A 75 -5.71 2.12 -0.08
C ASP A 75 -6.81 1.93 0.96
N ILE A 76 -6.71 2.62 2.10
CA ILE A 76 -7.76 2.64 3.14
C ILE A 76 -8.58 3.93 3.00
N ARG A 77 -9.88 3.78 2.76
CA ARG A 77 -10.85 4.91 2.78
C ARG A 77 -10.38 6.01 1.82
N GLY A 78 -9.82 5.62 0.67
CA GLY A 78 -9.57 6.51 -0.47
C GLY A 78 -8.49 7.54 -0.15
N MET A 79 -7.71 7.31 0.89
CA MET A 79 -6.66 8.25 1.37
C MET A 79 -5.37 7.96 0.62
N GLY A 80 -5.39 6.97 -0.27
CA GLY A 80 -4.22 6.61 -1.09
C GLY A 80 -3.26 5.73 -0.32
N PRO A 81 -2.35 5.02 -1.03
CA PRO A 81 -1.52 3.98 -0.43
C PRO A 81 -0.26 4.49 0.30
N GLU A 82 0.09 5.76 0.06
CA GLU A 82 1.14 6.47 0.82
C GLU A 82 0.65 6.73 2.26
N ASN A 83 -0.66 6.62 2.49
CA ASN A 83 -1.26 6.89 3.82
C ASN A 83 -1.74 5.59 4.44
N THR A 84 -1.24 4.47 3.91
CA THR A 84 -1.41 3.11 4.44
C THR A 84 -0.06 2.63 4.95
N LEU A 85 0.09 2.57 6.26
CA LEU A 85 1.32 2.11 6.94
C LEU A 85 1.31 0.59 7.08
N ILE A 86 2.30 -0.06 6.45
CA ILE A 86 2.52 -1.54 6.47
C ILE A 86 3.49 -1.90 7.58
N LEU A 87 3.05 -2.72 8.54
CA LEU A 87 3.91 -3.28 9.61
C LEU A 87 4.06 -4.78 9.38
N VAL A 88 5.21 -5.33 9.77
CA VAL A 88 5.41 -6.79 9.94
C VAL A 88 5.79 -7.04 11.40
N ASP A 89 4.86 -7.60 12.18
CA ASP A 89 5.06 -7.94 13.61
C ASP A 89 5.33 -6.63 14.34
N GLY A 90 4.57 -5.59 13.98
CA GLY A 90 4.58 -4.27 14.67
C GLY A 90 5.73 -3.37 14.27
N LYS A 91 6.47 -3.72 13.21
CA LYS A 91 7.70 -2.99 12.76
C LYS A 91 7.50 -2.46 11.34
N PRO A 92 7.63 -1.13 11.11
CA PRO A 92 7.37 -0.53 9.81
C PRO A 92 8.20 -1.10 8.66
N VAL A 93 7.56 -1.21 7.50
CA VAL A 93 8.21 -1.46 6.17
C VAL A 93 8.27 -0.13 5.42
N SER A 94 9.44 0.33 4.97
CA SER A 94 9.59 1.65 4.33
C SER A 94 10.22 1.54 2.94
N SER A 95 10.37 0.32 2.41
CA SER A 95 11.15 0.00 1.18
C SER A 95 10.65 0.77 -0.06
N ARG A 96 9.36 1.05 -0.18
CA ARG A 96 8.87 1.73 -1.42
C ARG A 96 9.34 3.18 -1.41
N ASN A 97 9.70 3.73 -0.25
CA ASN A 97 10.29 5.10 -0.14
C ASN A 97 11.68 5.15 -0.81
N SER A 98 12.20 4.03 -1.31
CA SER A 98 13.43 3.93 -2.15
C SER A 98 13.16 4.17 -3.64
N VAL A 99 11.90 4.23 -4.07
CA VAL A 99 11.56 4.38 -5.51
C VAL A 99 11.17 5.83 -5.80
N ARG A 100 11.65 6.37 -6.92
CA ARG A 100 11.42 7.78 -7.30
C ARG A 100 9.92 8.05 -7.16
N TYR A 101 9.54 9.12 -6.45
CA TYR A 101 8.17 9.72 -6.43
C TYR A 101 8.04 10.71 -7.58
N GLY A 102 7.14 10.41 -8.53
CA GLY A 102 6.95 11.14 -9.79
C GLY A 102 6.01 12.33 -9.65
N TRP A 103 6.00 13.18 -10.68
CA TRP A 103 5.23 14.45 -10.79
C TRP A 103 3.77 14.23 -10.36
N ARG A 104 3.20 13.07 -10.67
CA ARG A 104 1.75 12.77 -10.48
C ARG A 104 1.56 11.89 -9.24
N GLY A 105 2.56 11.79 -8.37
CA GLY A 105 2.38 11.13 -7.06
C GLY A 105 2.32 9.62 -7.16
N GLU A 106 2.95 9.05 -8.18
CA GLU A 106 3.11 7.58 -8.31
C GLU A 106 4.60 7.25 -8.30
N ARG A 107 4.89 6.04 -7.83
CA ARG A 107 6.22 5.41 -7.85
C ARG A 107 6.10 4.13 -8.69
N ASP A 108 7.10 3.83 -9.51
CA ASP A 108 7.14 2.55 -10.26
C ASP A 108 7.53 1.46 -9.26
N SER A 109 6.62 1.18 -8.33
CA SER A 109 6.81 0.23 -7.23
C SER A 109 5.60 -0.71 -7.19
N ARG A 110 5.79 -1.95 -6.75
CA ARG A 110 4.67 -2.91 -6.54
C ARG A 110 4.12 -2.77 -5.12
N GLY A 111 4.66 -1.83 -4.33
CA GLY A 111 4.24 -1.56 -2.94
C GLY A 111 5.02 -2.43 -1.97
N ASP A 112 4.49 -2.59 -0.75
CA ASP A 112 5.22 -3.24 0.37
C ASP A 112 4.34 -4.29 1.07
N THR A 113 3.44 -4.96 0.35
CA THR A 113 2.63 -6.07 0.91
C THR A 113 3.09 -7.44 0.38
N ASN A 114 4.24 -7.53 -0.27
CA ASN A 114 4.74 -8.79 -0.88
C ASN A 114 6.11 -9.15 -0.33
N TRP A 115 6.46 -8.72 0.90
CA TRP A 115 7.77 -9.05 1.53
C TRP A 115 7.65 -10.35 2.32
N VAL A 116 6.50 -10.60 2.94
CA VAL A 116 6.19 -11.83 3.72
C VAL A 116 5.37 -12.79 2.85
N PRO A 117 5.76 -14.07 2.79
CA PRO A 117 5.02 -15.05 2.02
C PRO A 117 3.72 -15.42 2.72
N ALA A 118 2.64 -15.53 1.95
CA ALA A 118 1.26 -15.74 2.46
C ALA A 118 1.20 -16.86 3.50
N ASP A 119 1.84 -18.00 3.24
CA ASP A 119 1.63 -19.24 4.04
C ASP A 119 2.42 -19.18 5.35
N GLN A 120 3.28 -18.20 5.57
CA GLN A 120 3.96 -18.04 6.89
C GLN A 120 3.28 -16.93 7.71
N VAL A 121 2.16 -16.40 7.24
CA VAL A 121 1.38 -15.37 7.97
C VAL A 121 0.44 -16.08 8.94
N GLU A 122 0.50 -15.68 10.21
CA GLU A 122 -0.46 -16.11 11.25
C GLU A 122 -1.76 -15.32 11.04
N ARG A 123 -1.69 -13.99 11.02
CA ARG A 123 -2.90 -13.14 10.80
C ARG A 123 -2.51 -11.74 10.32
N ILE A 124 -3.47 -11.03 9.72
CA ILE A 124 -3.29 -9.63 9.27
C ILE A 124 -4.32 -8.74 9.98
N GLU A 125 -3.86 -7.66 10.58
CA GLU A 125 -4.73 -6.69 11.28
C GLU A 125 -4.85 -5.43 10.43
N VAL A 126 -6.06 -5.00 10.10
CA VAL A 126 -6.30 -3.73 9.38
C VAL A 126 -7.04 -2.79 10.33
N ILE A 127 -6.44 -1.63 10.56
CA ILE A 127 -6.99 -0.59 11.49
C ILE A 127 -7.19 0.68 10.69
N ARG A 128 -8.44 1.14 10.60
CA ARG A 128 -8.84 2.21 9.66
C ARG A 128 -9.29 3.44 10.45
N GLY A 129 -8.75 4.60 10.08
CA GLY A 129 -9.24 5.93 10.49
C GLY A 129 -8.77 6.28 11.90
N PRO A 130 -9.68 6.86 12.72
CA PRO A 130 -9.32 7.48 13.99
C PRO A 130 -8.58 6.57 14.97
N ALA A 131 -8.80 5.25 14.91
CA ALA A 131 -8.11 4.25 15.74
C ALA A 131 -6.68 4.00 15.24
N ALA A 132 -6.32 4.50 14.06
CA ALA A 132 -4.98 4.30 13.44
C ALA A 132 -4.07 5.53 13.59
N ALA A 133 -4.66 6.71 13.85
CA ALA A 133 -3.94 8.00 13.96
C ALA A 133 -2.83 7.93 15.02
N ARG A 134 -3.03 7.10 16.05
CA ARG A 134 -2.10 6.92 17.19
C ARG A 134 -0.81 6.25 16.73
N TYR A 135 -0.76 5.71 15.51
CA TYR A 135 0.47 5.09 14.98
C TYR A 135 1.33 6.14 14.28
N GLY A 136 0.74 7.30 14.04
CA GLY A 136 1.49 8.51 13.63
C GLY A 136 1.71 8.54 12.14
N ASN A 137 2.96 8.71 11.74
CA ASN A 137 3.35 9.17 10.40
C ASN A 137 3.00 8.11 9.35
N GLY A 138 2.01 8.46 8.52
CA GLY A 138 1.57 7.74 7.32
C GLY A 138 0.45 6.77 7.59
N ALA A 139 -0.25 6.92 8.72
CA ALA A 139 -1.40 6.08 9.12
C ALA A 139 -2.71 6.85 8.93
N ALA A 140 -2.68 7.97 8.20
CA ALA A 140 -3.83 8.86 7.94
C ALA A 140 -4.98 8.08 7.29
N GLY A 141 -4.66 7.08 6.47
CA GLY A 141 -5.64 6.12 5.91
C GLY A 141 -5.88 4.99 6.89
N GLY A 142 -4.82 4.23 7.18
CA GLY A 142 -4.84 3.21 8.25
C GLY A 142 -3.54 2.43 8.35
N VAL A 143 -3.58 1.39 9.18
CA VAL A 143 -2.44 0.48 9.46
C VAL A 143 -2.85 -0.90 8.98
N VAL A 144 -1.95 -1.57 8.27
CA VAL A 144 -2.01 -3.02 7.94
C VAL A 144 -0.81 -3.67 8.65
N ASN A 145 -1.06 -4.51 9.65
CA ASN A 145 -0.01 -5.22 10.43
C ASN A 145 -0.03 -6.70 10.05
N ILE A 146 0.96 -7.16 9.27
CA ILE A 146 1.11 -8.57 8.83
C ILE A 146 1.84 -9.34 9.93
N ILE A 147 1.15 -10.27 10.60
CA ILE A 147 1.73 -11.00 11.76
C ILE A 147 2.14 -12.41 11.33
N THR A 148 3.35 -12.79 11.71
CA THR A 148 4.01 -14.05 11.31
C THR A 148 3.67 -15.13 12.33
N LYS A 149 3.72 -16.39 11.91
CA LYS A 149 3.63 -17.57 12.79
C LYS A 149 4.91 -17.65 13.62
N GLN A 150 4.75 -17.95 14.92
CA GLN A 150 5.81 -18.02 15.96
C GLN A 150 5.98 -19.45 16.44
N ALA A 151 7.12 -19.74 17.08
CA ALA A 151 7.44 -21.01 17.77
C ALA A 151 6.37 -21.32 18.81
N GLY A 152 6.23 -22.59 19.19
CA GLY A 152 5.31 -23.01 20.27
C GLY A 152 6.06 -23.41 21.53
N ALA A 153 5.51 -24.36 22.29
CA ALA A 153 6.20 -25.03 23.42
C ALA A 153 6.92 -26.28 22.92
N GLU A 154 6.51 -26.81 21.75
CA GLU A 154 7.20 -27.90 20.99
C GLU A 154 7.61 -27.38 19.61
N THR A 155 8.37 -28.18 18.85
CA THR A 155 8.81 -27.86 17.47
C THR A 155 7.67 -28.18 16.49
N HIS A 156 7.24 -27.17 15.72
CA HIS A 156 6.28 -27.30 14.58
C HIS A 156 6.95 -26.72 13.33
N GLY A 157 6.40 -27.03 12.15
CA GLY A 157 6.88 -26.57 10.83
C GLY A 157 5.93 -26.96 9.72
N ASN A 158 6.08 -26.32 8.55
CA ASN A 158 5.19 -26.52 7.36
C ASN A 158 6.02 -26.45 6.07
N LEU A 159 5.44 -26.97 4.98
CA LEU A 159 5.90 -26.83 3.58
C LEU A 159 4.67 -26.55 2.70
N SER A 160 4.55 -25.32 2.19
CA SER A 160 3.37 -24.83 1.45
C SER A 160 3.75 -24.53 0.00
N VAL A 161 2.95 -25.00 -0.95
CA VAL A 161 3.18 -24.88 -2.41
C VAL A 161 1.88 -24.45 -3.06
N TYR A 162 1.92 -23.45 -3.94
CA TYR A 162 0.74 -22.98 -4.70
C TYR A 162 1.18 -22.74 -6.14
N SER A 163 0.27 -23.01 -7.08
CA SER A 163 0.55 -23.03 -8.53
C SER A 163 -0.77 -22.73 -9.24
N ASN A 164 -0.83 -21.67 -10.04
CA ASN A 164 -2.07 -21.35 -10.80
C ASN A 164 -1.79 -21.47 -12.30
N PHE A 165 -2.88 -21.47 -13.08
CA PHE A 165 -2.96 -21.86 -14.52
C PHE A 165 -4.00 -21.00 -15.22
N PRO A 166 -3.61 -19.84 -15.78
CA PRO A 166 -4.56 -18.97 -16.46
C PRO A 166 -5.14 -19.64 -17.71
N GLN A 167 -6.40 -19.34 -18.03
CA GLN A 167 -7.13 -19.82 -19.24
C GLN A 167 -6.47 -19.23 -20.49
N HIS A 168 -6.18 -17.92 -20.45
CA HIS A 168 -5.53 -17.15 -21.53
C HIS A 168 -4.03 -17.08 -21.22
N LYS A 169 -3.18 -17.49 -22.16
CA LYS A 169 -1.70 -17.69 -21.99
C LYS A 169 -1.00 -16.34 -21.80
N ALA A 170 -1.53 -15.28 -22.42
CA ALA A 170 -1.03 -13.90 -22.26
C ALA A 170 -0.75 -13.63 -20.77
N GLU A 171 -1.74 -13.89 -19.92
CA GLU A 171 -1.70 -13.56 -18.47
C GLU A 171 -0.70 -14.50 -17.78
N GLY A 172 0.07 -13.94 -16.85
CA GLY A 172 1.17 -14.62 -16.16
C GLY A 172 0.66 -15.51 -15.05
N ALA A 173 1.08 -16.79 -15.09
CA ALA A 173 0.91 -17.81 -14.03
C ALA A 173 1.88 -17.53 -12.89
N SER A 174 1.56 -18.08 -11.71
CA SER A 174 2.24 -17.82 -10.41
C SER A 174 2.58 -19.17 -9.75
N GLU A 175 3.81 -19.32 -9.24
CA GLU A 175 4.26 -20.53 -8.50
C GLU A 175 5.01 -20.08 -7.23
N ARG A 176 4.78 -20.77 -6.12
CA ARG A 176 5.08 -20.28 -4.75
C ARG A 176 5.42 -21.50 -3.88
N MET A 177 6.58 -21.50 -3.21
CA MET A 177 7.04 -22.58 -2.31
C MET A 177 7.65 -21.94 -1.06
N SER A 178 7.11 -22.21 0.11
CA SER A 178 7.54 -21.56 1.38
C SER A 178 7.53 -22.63 2.47
N PHE A 179 8.58 -22.70 3.29
CA PHE A 179 8.60 -23.53 4.51
C PHE A 179 8.54 -22.60 5.74
N GLY A 180 8.28 -23.21 6.90
CA GLY A 180 8.40 -22.60 8.23
C GLY A 180 8.88 -23.65 9.21
N LEU A 181 9.62 -23.26 10.23
CA LEU A 181 10.20 -24.25 11.16
C LEU A 181 10.59 -23.54 12.44
N ASN A 182 9.96 -23.93 13.54
CA ASN A 182 10.06 -23.22 14.84
C ASN A 182 10.06 -24.24 15.98
N GLY A 183 10.59 -23.85 17.14
CA GLY A 183 10.64 -24.72 18.33
C GLY A 183 11.63 -24.23 19.39
N PRO A 184 11.82 -25.03 20.46
CA PRO A 184 12.73 -24.68 21.55
C PRO A 184 14.17 -25.08 21.20
N LEU A 185 15.14 -24.52 21.92
CA LEU A 185 16.56 -24.99 21.97
C LEU A 185 16.92 -25.35 23.41
N THR A 186 16.67 -24.43 24.35
CA THR A 186 16.68 -24.65 25.82
C THR A 186 15.28 -24.38 26.35
N GLU A 187 15.06 -24.47 27.67
CA GLU A 187 13.76 -24.14 28.33
C GLU A 187 13.44 -22.66 28.12
N ASN A 188 14.48 -21.81 28.05
CA ASN A 188 14.32 -20.33 27.96
C ASN A 188 14.82 -19.79 26.60
N LEU A 189 15.02 -20.64 25.59
CA LEU A 189 15.45 -20.22 24.23
C LEU A 189 14.56 -20.85 23.14
N SER A 190 13.86 -19.99 22.39
CA SER A 190 12.97 -20.36 21.26
C SER A 190 13.54 -19.75 19.98
N TYR A 191 13.14 -20.30 18.82
CA TYR A 191 13.49 -19.76 17.47
C TYR A 191 12.32 -20.04 16.51
N ARG A 192 12.15 -19.20 15.50
CA ARG A 192 11.37 -19.53 14.27
C ARG A 192 12.14 -19.04 13.04
N VAL A 193 12.18 -19.88 12.00
CA VAL A 193 12.75 -19.53 10.68
C VAL A 193 11.72 -19.89 9.61
N TYR A 194 11.73 -19.14 8.51
CA TYR A 194 11.00 -19.49 7.26
C TYR A 194 11.81 -18.99 6.07
N GLY A 195 11.42 -19.47 4.90
CA GLY A 195 12.10 -19.21 3.63
C GLY A 195 11.09 -19.41 2.51
N ASN A 196 11.09 -18.50 1.54
CA ASN A 196 10.11 -18.54 0.45
C ASN A 196 10.84 -18.36 -0.88
N ILE A 197 10.43 -19.13 -1.89
CA ILE A 197 10.78 -18.90 -3.32
C ILE A 197 9.49 -18.87 -4.13
N ALA A 198 9.31 -17.84 -4.97
CA ALA A 198 8.07 -17.61 -5.74
C ALA A 198 8.40 -16.86 -7.02
N LYS A 199 7.46 -16.92 -7.98
CA LYS A 199 7.54 -16.22 -9.28
C LYS A 199 6.12 -16.01 -9.80
N THR A 200 5.83 -14.77 -10.20
CA THR A 200 4.63 -14.39 -10.97
C THR A 200 5.13 -13.93 -12.34
N ASP A 201 4.92 -14.75 -13.37
CA ASP A 201 5.31 -14.42 -14.77
C ASP A 201 4.56 -13.14 -15.17
N SER A 202 5.22 -12.29 -15.95
CA SER A 202 4.64 -11.04 -16.49
C SER A 202 3.52 -11.41 -17.44
N ASP A 203 2.60 -10.49 -17.69
CA ASP A 203 1.67 -10.61 -18.84
C ASP A 203 2.54 -10.49 -20.11
N ASP A 204 2.13 -11.17 -21.19
CA ASP A 204 2.75 -11.02 -22.53
C ASP A 204 2.80 -9.53 -22.87
N TRP A 205 3.86 -9.11 -23.54
CA TRP A 205 4.09 -7.70 -23.96
C TRP A 205 2.89 -7.20 -24.78
N ASP A 206 2.06 -8.10 -25.31
CA ASP A 206 1.07 -7.75 -26.38
C ASP A 206 -0.36 -8.00 -25.89
N ILE A 207 -0.55 -8.29 -24.60
CA ILE A 207 -1.87 -8.57 -23.97
C ILE A 207 -2.88 -7.45 -24.25
N ASN A 208 -2.45 -6.19 -24.27
CA ASN A 208 -3.37 -5.02 -24.45
C ASN A 208 -3.50 -4.62 -25.93
N ALA A 209 -2.94 -5.40 -26.87
CA ALA A 209 -3.04 -5.13 -28.32
C ALA A 209 -4.50 -5.27 -28.79
N GLY A 210 -5.02 -4.25 -29.48
CA GLY A 210 -6.44 -4.19 -29.92
C GLY A 210 -7.33 -3.58 -28.85
N HIS A 211 -6.79 -3.28 -27.67
CA HIS A 211 -7.54 -2.63 -26.57
C HIS A 211 -6.97 -1.24 -26.28
N GLU A 212 -5.73 -0.99 -26.71
CA GLU A 212 -5.02 0.29 -26.44
C GLU A 212 -5.87 1.47 -26.93
N SER A 213 -5.70 2.63 -26.28
CA SER A 213 -6.15 3.96 -26.78
C SER A 213 -5.56 4.22 -28.16
N ASN A 214 -6.17 5.14 -28.92
CA ASN A 214 -5.77 5.53 -30.29
C ASN A 214 -4.38 6.18 -30.22
N ARG A 215 -3.43 5.64 -30.99
CA ARG A 215 -2.01 6.07 -30.98
C ARG A 215 -1.54 6.31 -32.42
N THR A 216 -1.18 7.57 -32.71
CA THR A 216 -0.92 8.08 -34.08
C THR A 216 0.39 8.87 -34.09
N GLY A 217 0.94 9.08 -35.30
CA GLY A 217 2.21 9.79 -35.52
C GLY A 217 3.38 9.06 -34.89
N LYS A 218 4.26 9.79 -34.20
CA LYS A 218 5.43 9.22 -33.49
C LYS A 218 4.99 8.03 -32.63
N GLN A 219 3.79 8.07 -32.02
CA GLN A 219 3.40 7.13 -30.94
C GLN A 219 2.65 5.93 -31.55
N ALA A 220 2.53 5.89 -32.88
CA ALA A 220 1.88 4.74 -33.54
C ALA A 220 2.66 3.48 -33.16
N GLY A 221 1.96 2.39 -32.80
CA GLY A 221 2.58 1.12 -32.42
C GLY A 221 2.79 0.98 -30.92
N THR A 222 2.79 2.07 -30.14
CA THR A 222 3.05 2.06 -28.68
C THR A 222 2.04 1.13 -27.99
N LEU A 223 2.34 0.61 -26.81
CA LEU A 223 1.34 -0.19 -26.04
C LEU A 223 1.38 0.15 -24.56
N PRO A 224 0.20 0.23 -23.91
CA PRO A 224 0.11 0.15 -22.46
C PRO A 224 0.32 -1.31 -22.06
N ALA A 225 1.10 -1.51 -21.01
CA ALA A 225 1.65 -2.81 -20.61
C ALA A 225 0.66 -3.55 -19.72
N GLY A 226 0.79 -4.87 -19.69
CA GLY A 226 0.10 -5.72 -18.70
C GLY A 226 0.85 -5.71 -17.37
N ARG A 227 0.53 -6.66 -16.51
CA ARG A 227 1.14 -6.75 -15.15
C ARG A 227 2.60 -7.19 -15.27
N GLU A 228 3.45 -6.43 -14.61
CA GLU A 228 4.88 -6.76 -14.41
C GLU A 228 4.93 -8.08 -13.65
N GLY A 229 5.88 -8.95 -13.96
CA GLY A 229 6.12 -10.18 -13.17
C GLY A 229 7.10 -9.86 -12.06
N VAL A 230 7.24 -10.77 -11.08
CA VAL A 230 8.23 -10.64 -9.98
C VAL A 230 8.74 -12.02 -9.61
N ARG A 231 10.03 -12.09 -9.25
CA ARG A 231 10.68 -13.24 -8.56
C ARG A 231 10.95 -12.84 -7.11
N ASN A 232 10.52 -13.65 -6.13
CA ASN A 232 10.78 -13.42 -4.69
C ASN A 232 11.79 -14.42 -4.13
N LYS A 233 12.62 -13.97 -3.18
CA LYS A 233 13.45 -14.82 -2.30
C LYS A 233 13.44 -14.22 -0.89
N ASP A 234 12.76 -14.88 0.04
CA ASP A 234 12.60 -14.35 1.42
C ASP A 234 13.18 -15.40 2.38
N ILE A 235 13.93 -14.92 3.36
CA ILE A 235 14.57 -15.74 4.43
C ILE A 235 14.48 -14.91 5.71
N ASP A 236 13.83 -15.43 6.75
CA ASP A 236 13.81 -14.78 8.09
C ASP A 236 14.29 -15.80 9.11
N GLY A 237 15.15 -15.35 10.03
CA GLY A 237 15.54 -16.08 11.24
C GLY A 237 15.25 -15.25 12.47
N LEU A 238 14.62 -15.85 13.49
CA LEU A 238 14.29 -15.20 14.78
C LEU A 238 14.72 -16.10 15.93
N LEU A 239 15.41 -15.54 16.94
CA LEU A 239 15.68 -16.18 18.26
C LEU A 239 14.98 -15.38 19.35
N SER A 240 14.06 -16.02 20.10
CA SER A 240 13.36 -15.46 21.27
C SER A 240 14.06 -15.98 22.53
N TRP A 241 14.44 -15.10 23.46
CA TRP A 241 15.22 -15.42 24.69
C TRP A 241 14.54 -14.79 25.90
N ARG A 242 14.02 -15.61 26.81
CA ARG A 242 13.27 -15.10 28.00
C ARG A 242 14.09 -15.40 29.25
N LEU A 243 15.24 -14.72 29.38
CA LEU A 243 16.26 -15.02 30.40
C LEU A 243 15.67 -14.91 31.81
N THR A 244 14.39 -14.51 31.96
CA THR A 244 13.67 -14.48 33.27
C THR A 244 12.15 -14.57 33.08
N PRO A 245 11.42 -15.04 34.12
CA PRO A 245 9.96 -15.12 34.08
C PRO A 245 9.20 -13.91 33.53
N GLU A 246 9.81 -12.72 33.59
CA GLU A 246 9.13 -11.41 33.30
C GLU A 246 9.73 -10.77 32.04
N GLN A 247 10.88 -11.29 31.61
CA GLN A 247 11.82 -10.64 30.65
C GLN A 247 11.96 -11.51 29.40
N THR A 248 11.59 -10.99 28.22
CA THR A 248 11.77 -11.66 26.90
C THR A 248 12.57 -10.75 25.95
N LEU A 249 13.53 -11.32 25.24
CA LEU A 249 14.48 -10.63 24.34
C LEU A 249 14.52 -11.35 22.99
N GLU A 250 14.15 -10.65 21.90
CA GLU A 250 14.07 -11.23 20.54
C GLU A 250 15.12 -10.59 19.63
N PHE A 251 15.85 -11.40 18.86
CA PHE A 251 16.71 -10.96 17.73
C PHE A 251 16.22 -11.60 16.42
N GLU A 252 16.00 -10.79 15.39
CA GLU A 252 15.69 -11.37 14.06
C GLU A 252 16.36 -10.57 12.96
N ALA A 253 16.74 -11.29 11.90
CA ALA A 253 17.24 -10.74 10.62
C ALA A 253 16.30 -11.20 9.51
N GLY A 254 16.06 -10.33 8.53
CA GLY A 254 15.31 -10.64 7.30
C GLY A 254 16.12 -10.30 6.07
N PHE A 255 16.19 -11.24 5.11
CA PHE A 255 16.78 -11.02 3.76
C PHE A 255 15.70 -11.34 2.72
N SER A 256 15.28 -10.36 1.92
CA SER A 256 14.38 -10.59 0.76
C SER A 256 14.98 -9.93 -0.49
N ARG A 257 14.56 -10.41 -1.67
CA ARG A 257 14.99 -9.98 -3.02
C ARG A 257 13.83 -10.15 -4.01
N GLN A 258 13.35 -9.05 -4.58
CA GLN A 258 12.36 -9.04 -5.69
C GLN A 258 13.08 -8.52 -6.92
N GLY A 259 13.09 -9.32 -7.98
CA GLY A 259 13.51 -8.89 -9.32
C GLY A 259 12.32 -8.98 -10.24
N ASN A 260 12.11 -7.98 -11.08
CA ASN A 260 10.90 -7.98 -11.95
C ASN A 260 11.18 -8.83 -13.19
N ILE A 261 10.11 -9.02 -13.96
CA ILE A 261 10.11 -9.42 -15.40
C ILE A 261 9.40 -8.31 -16.17
N TYR A 262 10.16 -7.56 -16.96
CA TYR A 262 9.68 -6.33 -17.64
C TYR A 262 8.74 -6.69 -18.79
N THR A 263 7.58 -6.03 -18.89
CA THR A 263 6.63 -6.23 -20.03
C THR A 263 6.17 -4.90 -20.64
N GLY A 264 7.04 -3.89 -20.70
CA GLY A 264 6.88 -2.72 -21.59
C GLY A 264 6.36 -1.48 -20.88
N ASP A 265 5.93 -1.60 -19.63
CA ASP A 265 5.39 -0.48 -18.82
C ASP A 265 6.37 0.71 -18.83
N THR A 266 5.88 1.91 -19.11
CA THR A 266 6.59 3.21 -19.08
C THR A 266 5.61 4.26 -18.51
N GLN A 267 6.10 5.30 -17.84
CA GLN A 267 5.19 6.29 -17.19
C GLN A 267 4.06 6.69 -18.16
N ASN A 268 4.39 7.15 -19.36
CA ASN A 268 3.40 7.76 -20.28
C ASN A 268 2.94 6.77 -21.36
N THR A 269 3.45 5.53 -21.37
CA THR A 269 3.09 4.46 -22.34
C THR A 269 3.69 4.72 -23.72
N ASN A 270 4.60 5.69 -23.83
CA ASN A 270 5.49 5.84 -25.01
C ASN A 270 6.55 4.74 -24.98
N SER A 271 7.29 4.56 -26.06
CA SER A 271 8.29 3.46 -26.20
C SER A 271 9.50 4.03 -26.92
N ASN A 272 10.63 3.34 -26.77
CA ASN A 272 11.87 3.55 -27.56
C ASN A 272 12.51 2.17 -27.68
N ASN A 273 13.75 2.05 -28.19
CA ASN A 273 14.35 0.73 -28.52
C ASN A 273 14.85 0.02 -27.25
N TYR A 274 15.32 0.78 -26.26
CA TYR A 274 15.85 0.25 -24.97
C TYR A 274 14.71 -0.52 -24.28
N VAL A 275 13.54 0.10 -24.18
CA VAL A 275 12.30 -0.52 -23.64
C VAL A 275 12.17 -1.92 -24.25
N LYS A 276 12.16 -2.03 -25.59
CA LYS A 276 11.84 -3.30 -26.29
C LYS A 276 12.95 -4.31 -26.04
N GLN A 277 14.21 -3.88 -26.05
CA GLN A 277 15.39 -4.73 -25.71
C GLN A 277 15.14 -5.45 -24.37
N MET A 278 14.39 -4.85 -23.45
CA MET A 278 14.35 -5.28 -22.03
C MET A 278 13.09 -6.11 -21.78
N LEU A 279 12.20 -6.25 -22.78
CA LEU A 279 11.01 -7.14 -22.63
C LEU A 279 11.48 -8.56 -22.25
N GLY A 280 11.10 -9.01 -21.07
CA GLY A 280 11.36 -10.39 -20.60
C GLY A 280 12.55 -10.45 -19.67
N HIS A 281 13.21 -9.32 -19.45
CA HIS A 281 14.39 -9.23 -18.54
C HIS A 281 14.05 -8.48 -17.25
N GLU A 282 14.89 -8.74 -16.23
CA GLU A 282 14.99 -8.05 -14.93
C GLU A 282 15.54 -6.65 -15.16
N THR A 283 14.75 -5.60 -14.89
CA THR A 283 15.09 -4.16 -15.12
C THR A 283 15.08 -3.39 -13.80
N ASN A 284 14.45 -3.96 -12.76
CA ASN A 284 14.57 -3.51 -11.34
C ASN A 284 14.70 -4.71 -10.40
N ARG A 285 15.61 -4.59 -9.44
CA ARG A 285 15.78 -5.54 -8.30
C ARG A 285 15.79 -4.75 -6.99
N MET A 286 14.93 -5.15 -6.06
CA MET A 286 14.85 -4.63 -4.68
C MET A 286 15.42 -5.69 -3.76
N TYR A 287 16.53 -5.41 -3.09
CA TYR A 287 17.03 -6.19 -1.93
C TYR A 287 16.54 -5.47 -0.67
N ARG A 288 15.84 -6.19 0.22
CA ARG A 288 15.37 -5.65 1.52
C ARG A 288 16.00 -6.49 2.62
N GLU A 289 16.79 -5.85 3.48
CA GLU A 289 17.43 -6.46 4.67
C GLU A 289 16.91 -5.78 5.95
N THR A 290 16.39 -6.57 6.89
CA THR A 290 15.91 -6.10 8.21
C THR A 290 16.66 -6.85 9.32
N TYR A 291 17.23 -6.13 10.29
CA TYR A 291 17.68 -6.71 11.58
C TYR A 291 16.89 -5.98 12.68
N SER A 292 16.46 -6.71 13.70
CA SER A 292 15.60 -6.14 14.76
C SER A 292 15.96 -6.76 16.11
N VAL A 293 16.06 -5.91 17.12
CA VAL A 293 16.12 -6.29 18.56
C VAL A 293 14.82 -5.85 19.22
N THR A 294 14.17 -6.77 19.92
CA THR A 294 12.89 -6.53 20.63
C THR A 294 13.01 -7.15 22.01
N HIS A 295 12.79 -6.33 23.05
CA HIS A 295 12.67 -6.75 24.46
C HIS A 295 11.21 -6.55 24.89
N ARG A 296 10.63 -7.59 25.49
CA ARG A 296 9.20 -7.65 25.87
C ARG A 296 9.12 -7.93 27.37
N GLY A 297 8.38 -7.10 28.11
CA GLY A 297 8.34 -7.16 29.58
C GLY A 297 6.92 -7.26 30.10
N GLU A 298 6.66 -8.26 30.96
CA GLU A 298 5.42 -8.37 31.76
C GLU A 298 5.81 -8.62 33.24
N TRP A 299 5.36 -7.72 34.11
CA TRP A 299 5.41 -7.82 35.59
C TRP A 299 4.14 -7.18 36.14
N ASP A 300 4.01 -7.11 37.48
CA ASP A 300 2.74 -6.80 38.18
C ASP A 300 2.27 -5.38 37.86
N PHE A 301 3.16 -4.37 37.87
CA PHE A 301 2.85 -2.96 37.52
C PHE A 301 2.14 -2.95 36.17
N GLY A 302 2.58 -3.82 35.26
CA GLY A 302 1.98 -3.98 33.91
C GLY A 302 2.96 -4.57 32.91
N SER A 303 3.01 -3.98 31.71
CA SER A 303 3.55 -4.58 30.46
C SER A 303 4.49 -3.58 29.77
N SER A 304 5.62 -4.04 29.22
CA SER A 304 6.64 -3.20 28.52
C SER A 304 7.04 -3.80 27.16
N LEU A 305 7.42 -2.93 26.23
CA LEU A 305 7.89 -3.29 24.86
C LEU A 305 8.76 -2.17 24.31
N ALA A 306 9.95 -2.52 23.77
CA ALA A 306 10.87 -1.59 23.05
C ALA A 306 11.61 -2.35 21.94
N TYR A 307 11.81 -1.72 20.78
CA TYR A 307 12.44 -2.41 19.61
C TYR A 307 13.37 -1.45 18.89
N LEU A 308 14.42 -2.04 18.30
CA LEU A 308 15.34 -1.41 17.32
C LEU A 308 15.20 -2.17 16.00
N GLN A 309 14.71 -1.51 14.95
CA GLN A 309 14.72 -2.09 13.58
C GLN A 309 15.63 -1.25 12.67
N TYR A 310 16.53 -1.91 11.95
CA TYR A 310 17.34 -1.35 10.85
C TYR A 310 16.92 -2.04 9.55
N GLU A 311 16.18 -1.29 8.72
CA GLU A 311 15.75 -1.70 7.36
C GLU A 311 16.67 -1.03 6.34
N LYS A 312 17.34 -1.82 5.51
CA LYS A 312 18.22 -1.30 4.42
C LYS A 312 17.70 -1.82 3.08
N THR A 313 17.21 -0.90 2.25
CA THR A 313 16.66 -1.26 0.92
C THR A 313 17.61 -0.78 -0.17
N ARG A 314 18.03 -1.67 -1.08
CA ARG A 314 18.75 -1.32 -2.34
C ARG A 314 17.80 -1.47 -3.53
N ASN A 315 17.46 -0.34 -4.17
CA ASN A 315 16.57 -0.29 -5.35
C ASN A 315 17.45 -0.14 -6.58
N SER A 316 17.85 -1.24 -7.22
CA SER A 316 18.71 -1.21 -8.43
C SER A 316 17.85 -1.30 -9.68
N ARG A 317 17.87 -0.27 -10.51
CA ARG A 317 17.07 -0.31 -11.76
C ARG A 317 17.69 0.60 -12.81
N ILE A 318 17.29 0.33 -14.05
CA ILE A 318 17.77 1.01 -15.27
C ILE A 318 17.45 2.49 -15.14
N ASN A 319 18.41 3.35 -15.44
CA ASN A 319 18.27 4.84 -15.44
C ASN A 319 17.06 5.23 -16.30
N GLU A 320 16.23 6.15 -15.83
CA GLU A 320 15.06 6.65 -16.60
C GLU A 320 15.32 8.14 -16.82
N GLY A 321 14.62 8.77 -17.78
CA GLY A 321 14.60 10.23 -17.92
C GLY A 321 13.67 10.91 -16.91
N LEU A 322 13.80 12.24 -16.77
CA LEU A 322 13.14 13.00 -15.69
C LEU A 322 12.47 14.22 -16.31
N ALA A 323 12.31 14.21 -17.63
CA ALA A 323 11.71 15.35 -18.38
C ALA A 323 10.54 14.93 -19.27
N GLY A 324 9.36 15.48 -19.00
CA GLY A 324 8.17 15.44 -19.85
C GLY A 324 7.75 14.02 -20.17
N GLY A 325 7.61 13.71 -21.47
CA GLY A 325 7.34 12.36 -21.97
C GLY A 325 8.51 11.41 -21.75
N THR A 326 9.69 11.91 -21.38
CA THR A 326 10.86 11.04 -21.07
C THR A 326 10.91 10.70 -19.58
N GLU A 327 10.03 11.28 -18.78
CA GLU A 327 9.92 10.92 -17.34
C GLU A 327 9.41 9.48 -17.25
N GLY A 328 10.27 8.57 -16.78
CA GLY A 328 9.90 7.19 -16.43
C GLY A 328 9.93 6.25 -17.62
N ILE A 329 10.71 6.60 -18.63
CA ILE A 329 11.12 5.66 -19.73
C ILE A 329 12.63 5.47 -19.64
N PHE A 330 13.11 4.25 -19.79
CA PHE A 330 14.57 3.94 -19.83
C PHE A 330 15.25 4.98 -20.71
N ASP A 331 16.30 5.61 -20.17
CA ASP A 331 17.11 6.65 -20.85
C ASP A 331 18.22 5.97 -21.65
N PRO A 332 18.16 5.95 -23.01
CA PRO A 332 19.15 5.22 -23.79
C PRO A 332 20.53 5.90 -23.88
N ASN A 333 20.66 7.19 -23.51
CA ASN A 333 21.94 7.96 -23.51
C ASN A 333 22.77 7.65 -22.25
N ASN A 334 22.11 7.15 -21.21
CA ASN A 334 22.72 6.82 -19.89
C ASN A 334 22.33 5.39 -19.53
N ALA A 335 22.54 4.45 -20.46
CA ALA A 335 22.17 3.02 -20.31
C ALA A 335 22.85 2.45 -19.06
N GLY A 336 22.22 1.46 -18.43
CA GLY A 336 22.78 0.69 -17.31
C GLY A 336 22.02 0.98 -16.04
N PHE A 337 22.37 0.27 -14.97
CA PHE A 337 21.67 0.29 -13.66
C PHE A 337 22.32 1.35 -12.77
N TYR A 338 21.51 2.11 -12.01
CA TYR A 338 21.92 2.82 -10.78
C TYR A 338 21.35 2.06 -9.58
N THR A 339 21.81 2.36 -8.36
CA THR A 339 21.27 1.77 -7.12
C THR A 339 20.94 2.88 -6.13
N ALA A 340 19.66 3.02 -5.78
CA ALA A 340 19.17 3.93 -4.71
C ALA A 340 19.17 3.13 -3.40
N THR A 341 19.66 3.74 -2.33
CA THR A 341 19.84 3.04 -1.04
C THR A 341 19.04 3.78 0.03
N LEU A 342 18.20 3.03 0.71
CA LEU A 342 17.34 3.54 1.80
C LEU A 342 17.75 2.80 3.07
N ARG A 343 18.30 3.56 4.00
CA ARG A 343 18.64 3.10 5.37
C ARG A 343 17.59 3.73 6.29
N ASP A 344 16.71 2.89 6.83
CA ASP A 344 15.61 3.34 7.72
C ASP A 344 15.82 2.69 9.08
N LEU A 345 15.84 3.53 10.11
CA LEU A 345 16.20 3.19 11.50
C LEU A 345 14.97 3.50 12.37
N THR A 346 14.49 2.53 13.12
CA THR A 346 13.30 2.69 14.00
C THR A 346 13.61 2.14 15.39
N ALA A 347 13.41 2.98 16.40
CA ALA A 347 13.39 2.60 17.84
C ALA A 347 12.10 3.12 18.48
N HIS A 348 11.50 2.30 19.34
CA HIS A 348 10.12 2.45 19.87
C HIS A 348 10.06 1.92 21.30
N GLY A 349 9.44 2.69 22.20
CA GLY A 349 9.27 2.29 23.60
C GLY A 349 7.83 2.53 24.03
N GLU A 350 7.22 1.55 24.71
CA GLU A 350 5.84 1.64 25.24
C GLU A 350 5.73 0.84 26.54
N VAL A 351 4.99 1.40 27.50
CA VAL A 351 4.56 0.70 28.75
C VAL A 351 3.04 0.71 28.80
N ASN A 352 2.47 -0.22 29.57
CA ASN A 352 1.03 -0.34 29.87
C ASN A 352 0.85 -0.45 31.38
N LEU A 353 0.06 0.46 31.95
CA LEU A 353 -0.22 0.58 33.42
C LEU A 353 -1.72 0.47 33.65
N PRO A 354 -2.22 -0.68 34.17
CA PRO A 354 -3.53 -0.72 34.83
C PRO A 354 -3.66 0.23 36.03
N LEU A 355 -4.72 1.07 36.07
CA LEU A 355 -4.97 2.10 37.12
C LEU A 355 -6.35 1.86 37.78
N HIS A 356 -6.40 1.84 39.12
CA HIS A 356 -7.66 1.64 39.90
C HIS A 356 -8.04 2.98 40.56
N LEU A 357 -8.98 3.71 39.93
CA LEU A 357 -9.25 5.14 40.15
C LEU A 357 -10.76 5.38 40.09
N GLY A 358 -11.22 6.62 40.30
CA GLY A 358 -12.64 7.04 40.20
C GLY A 358 -13.36 6.32 39.07
N TYR A 359 -12.68 6.13 37.94
CA TYR A 359 -13.06 5.25 36.80
C TYR A 359 -11.92 4.27 36.52
N GLU A 360 -12.25 2.99 36.26
CA GLU A 360 -11.27 1.89 36.00
C GLU A 360 -10.65 2.10 34.61
N GLN A 361 -9.32 1.97 34.45
CA GLN A 361 -8.62 2.35 33.17
C GLN A 361 -7.22 1.72 33.02
N THR A 362 -6.66 1.78 31.82
CA THR A 362 -5.28 1.33 31.47
C THR A 362 -4.53 2.43 30.69
N LEU A 363 -3.38 2.85 31.20
CA LEU A 363 -2.53 3.92 30.60
C LEU A 363 -1.32 3.32 29.87
N THR A 364 -1.00 3.88 28.69
CA THR A 364 0.14 3.50 27.80
C THR A 364 1.00 4.75 27.56
N LEU A 365 2.31 4.68 27.84
CA LEU A 365 3.27 5.80 27.63
C LEU A 365 4.35 5.35 26.63
N GLY A 366 4.65 6.17 25.61
CA GLY A 366 5.58 5.78 24.54
C GLY A 366 6.34 6.94 23.90
N SER A 367 7.62 6.69 23.63
CA SER A 367 8.45 7.46 22.68
C SER A 367 8.58 6.68 21.37
N GLU A 368 8.91 7.37 20.28
CA GLU A 368 9.39 6.76 19.01
C GLU A 368 10.47 7.65 18.39
N TRP A 369 11.53 7.02 17.87
CA TRP A 369 12.60 7.65 17.06
C TRP A 369 12.75 6.92 15.71
N THR A 370 12.74 7.66 14.61
CA THR A 370 13.00 7.14 13.25
C THR A 370 14.01 8.04 12.53
N GLU A 371 14.83 7.42 11.67
CA GLU A 371 15.73 8.08 10.70
C GLU A 371 15.55 7.41 9.35
N GLN A 372 15.26 8.20 8.33
CA GLN A 372 15.24 7.79 6.90
C GLN A 372 16.41 8.46 6.17
N LYS A 373 17.48 7.72 5.87
CA LYS A 373 18.55 8.19 4.94
C LYS A 373 18.23 7.63 3.55
N LEU A 374 18.19 8.50 2.54
CA LEU A 374 17.99 8.09 1.13
C LEU A 374 19.21 8.57 0.31
N ASP A 375 19.90 7.61 -0.30
CA ASP A 375 20.92 7.87 -1.33
C ASP A 375 20.35 7.46 -2.69
N ASP A 376 20.06 8.44 -3.55
CA ASP A 376 19.49 8.23 -4.91
C ASP A 376 20.36 8.94 -5.95
N PRO A 377 21.22 8.22 -6.70
CA PRO A 377 22.21 8.87 -7.57
C PRO A 377 21.69 9.29 -8.95
N SER A 378 20.38 9.24 -9.16
CA SER A 378 19.73 9.30 -10.51
C SER A 378 18.67 10.41 -10.54
N SER A 379 17.84 10.46 -9.50
CA SER A 379 16.63 11.33 -9.37
C SER A 379 16.99 12.81 -9.40
N ASN A 380 18.19 13.19 -8.96
CA ASN A 380 18.53 14.64 -8.87
C ASN A 380 19.52 15.03 -9.98
N THR A 381 19.31 14.56 -11.20
CA THR A 381 20.27 14.77 -12.31
C THR A 381 19.62 15.53 -13.46
N GLN A 382 18.33 15.86 -13.39
CA GLN A 382 17.72 16.73 -14.43
C GLN A 382 18.53 18.02 -14.45
N ASN A 383 18.87 18.50 -15.64
CA ASN A 383 19.76 19.68 -15.80
C ASN A 383 18.96 20.82 -16.41
N THR A 384 19.55 22.00 -16.42
CA THR A 384 18.82 23.29 -16.55
C THR A 384 19.26 23.95 -17.87
N GLU A 385 19.79 23.17 -18.82
CA GLU A 385 20.43 23.74 -20.03
C GLU A 385 19.33 24.22 -21.00
N GLU A 386 18.14 23.63 -20.90
CA GLU A 386 17.02 23.91 -21.84
C GLU A 386 16.07 24.96 -21.25
N GLY A 387 15.56 24.76 -20.04
CA GLY A 387 14.60 25.66 -19.39
C GLY A 387 15.27 26.86 -18.73
N GLY A 388 16.60 26.93 -18.76
CA GLY A 388 17.35 28.00 -18.09
C GLY A 388 17.65 27.59 -16.66
N SER A 389 18.60 28.27 -16.00
CA SER A 389 19.13 27.87 -14.67
C SER A 389 18.26 28.44 -13.54
N ILE A 390 18.36 27.83 -12.36
CA ILE A 390 17.47 28.11 -11.19
C ILE A 390 18.32 28.60 -10.03
N PRO A 391 18.23 29.90 -9.64
CA PRO A 391 19.14 30.42 -8.64
C PRO A 391 18.95 29.59 -7.36
N GLY A 392 20.03 29.03 -6.83
CA GLY A 392 20.05 28.16 -5.64
C GLY A 392 20.08 26.68 -5.98
N LEU A 393 20.02 26.33 -7.26
CA LEU A 393 20.06 24.91 -7.69
C LEU A 393 21.21 24.73 -8.69
N ALA A 394 22.22 23.94 -8.35
CA ALA A 394 23.33 23.61 -9.26
C ALA A 394 22.76 22.72 -10.36
N GLY A 395 23.13 22.97 -11.63
CA GLY A 395 22.61 22.22 -12.80
C GLY A 395 23.14 20.81 -12.94
N LYS A 396 24.34 20.51 -12.40
CA LYS A 396 24.99 19.16 -12.43
C LYS A 396 25.60 18.83 -11.07
N ASN A 397 25.69 17.54 -10.73
CA ASN A 397 26.39 17.01 -9.54
C ASN A 397 25.77 17.54 -8.25
N ARG A 398 24.46 17.73 -8.24
CA ARG A 398 23.68 18.02 -7.01
C ARG A 398 23.83 16.83 -6.05
N SER A 399 23.68 17.04 -4.74
CA SER A 399 23.78 15.94 -3.75
C SER A 399 22.81 14.83 -4.15
N SER A 400 23.11 13.57 -3.76
CA SER A 400 22.23 12.38 -3.92
C SER A 400 21.38 12.19 -2.66
N SER A 401 21.65 12.97 -1.62
CA SER A 401 21.35 12.58 -0.21
C SER A 401 20.14 13.34 0.34
N SER A 402 19.30 12.61 1.07
CA SER A 402 18.11 13.12 1.80
C SER A 402 18.07 12.37 3.12
N SER A 403 17.50 13.00 4.15
CA SER A 403 17.25 12.38 5.47
C SER A 403 16.14 13.14 6.17
N ALA A 404 15.40 12.46 7.04
CA ALA A 404 14.50 13.11 8.01
C ALA A 404 14.48 12.28 9.28
N ARG A 405 14.58 12.96 10.43
CA ARG A 405 14.38 12.33 11.75
C ARG A 405 13.06 12.86 12.30
N ILE A 406 12.18 11.96 12.76
CA ILE A 406 11.01 12.32 13.62
C ILE A 406 11.27 11.80 15.02
N PHE A 407 11.14 12.67 16.04
CA PHE A 407 10.95 12.26 17.46
C PHE A 407 9.46 12.35 17.80
N SER A 408 8.99 11.37 18.56
CA SER A 408 7.55 11.14 18.85
C SER A 408 7.37 10.75 20.32
N LEU A 409 6.45 11.40 21.01
CA LEU A 409 5.94 10.99 22.34
C LEU A 409 4.42 10.85 22.24
N PHE A 410 3.84 9.89 22.96
CA PHE A 410 2.39 9.59 22.95
C PHE A 410 1.99 8.86 24.25
N ALA A 411 0.74 9.04 24.66
CA ALA A 411 0.11 8.40 25.83
C ALA A 411 -1.35 8.06 25.48
N GLU A 412 -1.73 6.82 25.77
CA GLU A 412 -3.09 6.28 25.50
C GLU A 412 -3.78 6.05 26.84
N ASP A 413 -5.00 6.56 27.02
CA ASP A 413 -5.78 6.17 28.23
C ASP A 413 -7.09 5.50 27.82
N ASN A 414 -7.17 4.25 28.27
CA ASN A 414 -8.20 3.23 27.92
C ASN A 414 -9.21 3.14 29.08
N ILE A 415 -10.18 4.04 29.11
CA ILE A 415 -11.03 4.28 30.31
C ILE A 415 -12.33 3.50 30.19
N GLU A 416 -12.58 2.58 31.14
CA GLU A 416 -13.86 1.85 31.33
C GLU A 416 -14.78 2.68 32.24
N LEU A 417 -15.72 3.45 31.67
CA LEU A 417 -16.69 4.30 32.39
C LEU A 417 -17.71 3.42 33.15
N MET A 418 -18.41 2.54 32.43
CA MET A 418 -19.24 1.44 32.99
C MET A 418 -19.13 0.21 32.08
N PRO A 419 -19.08 -1.01 32.69
CA PRO A 419 -18.91 -2.24 31.92
C PRO A 419 -19.56 -2.15 30.53
N GLY A 420 -18.80 -2.48 29.48
CA GLY A 420 -19.23 -2.43 28.07
C GLY A 420 -18.74 -1.18 27.37
N THR A 421 -18.66 -0.06 28.10
CA THR A 421 -18.24 1.28 27.60
C THR A 421 -16.73 1.47 27.80
N MET A 422 -16.00 1.84 26.74
CA MET A 422 -14.57 2.27 26.76
C MET A 422 -14.44 3.67 26.14
N LEU A 423 -13.82 4.60 26.85
CA LEU A 423 -13.41 5.92 26.29
C LEU A 423 -11.89 5.96 26.28
N THR A 424 -11.31 6.21 25.11
CA THR A 424 -9.85 6.12 24.85
C THR A 424 -9.37 7.42 24.25
N PRO A 425 -8.95 8.40 25.09
CA PRO A 425 -8.17 9.55 24.63
C PRO A 425 -6.66 9.25 24.55
N GLY A 426 -6.02 9.75 23.50
CA GLY A 426 -4.56 9.71 23.31
C GLY A 426 -4.04 10.99 22.70
N LEU A 427 -2.82 11.36 23.07
CA LEU A 427 -2.10 12.55 22.54
C LEU A 427 -0.85 12.00 21.85
N ARG A 428 -0.65 12.29 20.57
CA ARG A 428 0.67 12.05 19.93
C ARG A 428 1.25 13.39 19.51
N TRP A 429 2.50 13.61 19.88
CA TRP A 429 3.30 14.80 19.47
C TRP A 429 4.55 14.29 18.76
N ASP A 430 4.85 14.90 17.61
CA ASP A 430 5.98 14.49 16.75
C ASP A 430 6.82 15.74 16.41
N HIS A 431 8.14 15.66 16.59
CA HIS A 431 9.11 16.68 16.09
C HIS A 431 9.79 16.12 14.85
N HIS A 432 9.42 16.65 13.69
CA HIS A 432 10.10 16.46 12.39
C HIS A 432 11.20 17.51 12.27
N ASP A 433 12.43 17.08 12.03
CA ASP A 433 13.63 17.95 12.12
C ASP A 433 13.72 18.91 10.93
N ILE A 434 12.73 18.91 10.02
CA ILE A 434 12.66 19.98 8.98
C ILE A 434 11.29 20.66 9.10
N VAL A 435 10.21 19.88 9.05
CA VAL A 435 8.84 20.43 8.87
C VAL A 435 8.40 21.10 10.17
N GLY A 436 8.87 20.59 11.31
CA GLY A 436 8.59 21.17 12.64
C GLY A 436 7.73 20.25 13.47
N ASP A 437 6.85 20.85 14.28
CA ASP A 437 6.08 20.15 15.33
C ASP A 437 4.72 19.76 14.75
N ASN A 438 4.26 18.54 15.05
CA ASN A 438 2.89 18.08 14.75
C ASN A 438 2.20 17.61 16.05
N TRP A 439 0.93 18.04 16.24
CA TRP A 439 0.05 17.59 17.35
C TRP A 439 -1.11 16.76 16.76
N SER A 440 -1.10 15.44 16.97
CA SER A 440 -2.15 14.47 16.54
C SER A 440 -2.90 13.96 17.77
N PRO A 441 -3.96 14.67 18.25
CA PRO A 441 -4.79 14.17 19.35
C PRO A 441 -5.82 13.17 18.81
N SER A 442 -6.42 12.35 19.68
CA SER A 442 -7.43 11.33 19.30
C SER A 442 -8.40 11.06 20.45
N LEU A 443 -9.59 10.55 20.11
CA LEU A 443 -10.63 10.11 21.07
C LEU A 443 -11.49 9.01 20.43
N ASN A 444 -11.56 7.84 21.07
CA ASN A 444 -12.34 6.68 20.59
C ASN A 444 -13.28 6.19 21.69
N LEU A 445 -14.59 6.26 21.42
CA LEU A 445 -15.71 5.79 22.27
C LEU A 445 -16.32 4.51 21.66
N SER A 446 -16.55 3.49 22.49
CA SER A 446 -17.32 2.28 22.14
C SER A 446 -18.33 2.01 23.26
N HIS A 447 -19.60 1.77 22.91
CA HIS A 447 -20.77 1.72 23.85
C HIS A 447 -21.63 0.48 23.59
N ALA A 448 -21.69 -0.44 24.56
CA ALA A 448 -22.74 -1.48 24.63
C ALA A 448 -24.07 -0.77 24.91
N LEU A 449 -24.93 -0.67 23.89
CA LEU A 449 -26.34 -0.22 24.06
C LEU A 449 -27.16 -1.42 24.52
N THR A 450 -26.84 -2.59 23.98
CA THR A 450 -27.38 -3.91 24.38
C THR A 450 -26.20 -4.88 24.36
N GLU A 451 -26.33 -6.01 25.04
CA GLU A 451 -25.33 -7.11 25.01
C GLU A 451 -25.14 -7.63 23.58
N ARG A 452 -25.94 -7.19 22.61
CA ARG A 452 -25.75 -7.70 21.22
C ARG A 452 -25.45 -6.55 20.28
N VAL A 453 -25.59 -5.31 20.75
CA VAL A 453 -25.42 -4.11 19.90
C VAL A 453 -24.39 -3.21 20.59
N THR A 454 -23.54 -2.62 19.77
CA THR A 454 -22.39 -1.78 20.19
C THR A 454 -22.27 -0.61 19.23
N LEU A 455 -22.30 0.61 19.77
CA LEU A 455 -22.07 1.87 19.00
C LEU A 455 -20.61 2.26 19.16
N LYS A 456 -19.95 2.70 18.08
CA LYS A 456 -18.58 3.27 18.15
C LYS A 456 -18.56 4.61 17.41
N ALA A 457 -17.96 5.61 18.06
CA ALA A 457 -17.67 6.93 17.49
C ALA A 457 -16.19 7.27 17.75
N GLY A 458 -15.55 7.95 16.81
CA GLY A 458 -14.11 8.27 16.88
C GLY A 458 -13.79 9.48 16.02
N ILE A 459 -13.00 10.41 16.57
CA ILE A 459 -12.48 11.60 15.83
C ILE A 459 -11.01 11.76 16.24
N ALA A 460 -10.10 11.65 15.28
CA ALA A 460 -8.64 11.88 15.49
C ALA A 460 -8.11 12.77 14.35
N ARG A 461 -6.95 13.39 14.58
CA ARG A 461 -6.16 14.13 13.56
C ARG A 461 -4.90 13.31 13.25
N ALA A 462 -4.86 12.65 12.10
CA ALA A 462 -3.75 11.80 11.64
C ALA A 462 -2.65 12.68 11.05
N TYR A 463 -1.51 12.09 10.75
CA TYR A 463 -0.25 12.81 10.44
C TYR A 463 0.37 12.22 9.18
N LYS A 464 0.89 13.09 8.30
CA LYS A 464 1.66 12.72 7.09
C LYS A 464 2.90 13.62 6.94
N ALA A 465 4.09 13.06 7.12
CA ALA A 465 5.35 13.79 6.82
C ALA A 465 5.56 13.75 5.32
N PRO A 466 5.93 14.87 4.66
CA PRO A 466 6.32 14.84 3.25
C PRO A 466 7.38 13.75 3.01
N ASN A 467 7.34 13.07 1.86
CA ASN A 467 8.38 12.08 1.50
C ASN A 467 9.64 12.85 1.09
N LEU A 468 10.80 12.19 1.09
CA LEU A 468 12.13 12.83 0.89
C LEU A 468 12.28 13.39 -0.53
N TYR A 469 11.41 12.97 -1.46
CA TYR A 469 11.41 13.53 -2.83
C TYR A 469 10.70 14.89 -2.82
N GLN A 470 9.49 14.94 -2.25
CA GLN A 470 8.69 16.19 -2.16
C GLN A 470 9.51 17.27 -1.48
N LEU A 471 10.32 16.88 -0.50
CA LEU A 471 10.98 17.77 0.49
C LEU A 471 12.27 18.37 -0.05
N ASN A 472 12.83 17.82 -1.14
CA ASN A 472 14.25 18.02 -1.55
C ASN A 472 14.38 19.06 -2.65
N PRO A 473 14.92 20.27 -2.35
CA PRO A 473 15.12 21.28 -3.39
C PRO A 473 16.07 20.87 -4.52
N ASP A 474 16.74 19.72 -4.40
CA ASP A 474 17.65 19.22 -5.47
C ASP A 474 16.87 18.33 -6.44
N TYR A 475 15.67 17.88 -6.06
CA TYR A 475 14.80 16.99 -6.88
C TYR A 475 13.99 17.83 -7.86
N LEU A 476 14.17 17.56 -9.15
CA LEU A 476 13.85 18.52 -10.25
C LEU A 476 13.34 17.72 -11.45
N LEU A 477 12.10 17.98 -11.83
CA LEU A 477 11.49 17.45 -13.07
C LEU A 477 11.30 18.64 -14.02
N TYR A 478 11.12 18.33 -15.30
CA TYR A 478 11.05 19.34 -16.39
C TYR A 478 10.01 18.88 -17.41
N SER A 479 9.29 19.85 -17.96
CA SER A 479 8.37 19.64 -19.10
C SER A 479 8.47 20.87 -19.99
N ARG A 480 8.39 20.67 -21.30
CA ARG A 480 8.37 21.76 -22.30
C ARG A 480 6.99 22.42 -22.35
N GLY A 481 6.01 21.91 -21.60
CA GLY A 481 4.68 22.53 -21.50
C GLY A 481 3.58 21.54 -21.25
N GLN A 482 3.60 20.38 -21.94
CA GLN A 482 2.49 19.40 -21.95
C GLN A 482 2.09 19.00 -20.52
N GLY A 483 2.99 19.13 -19.55
CA GLY A 483 2.73 18.74 -18.14
C GLY A 483 2.65 19.94 -17.18
N CYS A 484 2.49 21.15 -17.70
CA CYS A 484 2.57 22.41 -16.91
C CYS A 484 1.15 22.95 -16.64
N TYR A 485 0.84 23.20 -15.37
CA TYR A 485 -0.52 23.63 -14.95
C TYR A 485 -0.75 25.09 -15.34
N GLY A 486 -1.76 25.33 -16.18
CA GLY A 486 -2.30 26.67 -16.51
C GLY A 486 -1.47 27.41 -17.55
N GLN A 487 -0.81 26.68 -18.46
CA GLN A 487 0.11 27.25 -19.49
C GLN A 487 0.66 26.13 -20.39
N SER A 488 1.27 26.51 -21.52
CA SER A 488 1.90 25.63 -22.54
C SER A 488 3.43 25.74 -22.49
N THR A 489 3.96 26.76 -21.81
CA THR A 489 5.42 27.06 -21.73
C THR A 489 6.13 25.92 -21.00
N SER A 490 7.44 25.78 -21.23
CA SER A 490 8.37 24.98 -20.40
C SER A 490 8.16 25.34 -18.93
N CYS A 491 8.31 24.35 -18.06
CA CYS A 491 8.24 24.53 -16.60
C CYS A 491 9.06 23.45 -15.90
N TYR A 492 9.60 23.82 -14.75
CA TYR A 492 10.29 22.94 -13.78
C TYR A 492 9.35 22.66 -12.61
N LEU A 493 9.41 21.44 -12.08
CA LEU A 493 8.82 21.13 -10.75
C LEU A 493 9.97 20.83 -9.80
N ARG A 494 9.88 21.38 -8.60
CA ARG A 494 11.01 21.38 -7.65
C ARG A 494 10.55 20.96 -6.25
N GLY A 495 11.40 20.22 -5.56
CA GLY A 495 11.22 19.93 -4.13
C GLY A 495 11.26 21.19 -3.28
N ASN A 496 10.68 21.10 -2.08
CA ASN A 496 10.28 22.27 -1.28
C ASN A 496 10.38 21.90 0.20
N ASP A 497 11.48 22.29 0.85
CA ASP A 497 11.74 21.95 2.28
C ASP A 497 10.93 22.91 3.16
N GLY A 498 10.11 23.77 2.54
CA GLY A 498 9.20 24.72 3.23
C GLY A 498 7.85 24.10 3.52
N LEU A 499 7.64 22.87 3.01
CA LEU A 499 6.34 22.15 3.01
C LEU A 499 5.82 21.99 4.44
N LYS A 500 4.50 22.05 4.62
CA LYS A 500 3.82 21.60 5.86
C LYS A 500 3.53 20.10 5.73
N ALA A 501 3.47 19.41 6.88
CA ALA A 501 2.93 18.04 7.00
C ALA A 501 1.46 18.04 6.56
N GLU A 502 1.00 16.93 5.97
CA GLU A 502 -0.44 16.69 5.71
C GLU A 502 -1.06 16.19 7.01
N THR A 503 -2.17 16.80 7.40
CA THR A 503 -3.02 16.34 8.53
C THR A 503 -4.42 16.01 7.97
N SER A 504 -5.17 15.19 8.71
CA SER A 504 -6.54 14.75 8.37
C SER A 504 -7.29 14.48 9.68
N VAL A 505 -8.44 15.14 9.84
CA VAL A 505 -9.39 14.86 10.96
C VAL A 505 -10.33 13.73 10.52
N ASN A 506 -9.88 12.49 10.75
CA ASN A 506 -10.63 11.24 10.45
C ASN A 506 -11.76 11.06 11.47
N LYS A 507 -13.01 11.33 11.07
CA LYS A 507 -14.24 11.05 11.88
C LYS A 507 -14.82 9.70 11.43
N GLU A 508 -15.42 8.94 12.36
CA GLU A 508 -16.20 7.70 12.08
C GLU A 508 -17.27 7.48 13.15
N LEU A 509 -18.49 7.18 12.70
CA LEU A 509 -19.66 6.81 13.56
C LEU A 509 -20.24 5.50 13.02
N GLY A 510 -20.33 4.46 13.87
CA GLY A 510 -20.65 3.10 13.40
C GLY A 510 -21.45 2.31 14.41
N ILE A 511 -22.24 1.33 13.97
CA ILE A 511 -23.06 0.44 14.85
C ILE A 511 -22.96 -1.02 14.38
N GLU A 512 -22.92 -1.96 15.32
CA GLU A 512 -22.72 -3.40 15.01
C GLU A 512 -23.56 -4.27 15.98
N TYR A 513 -24.43 -5.10 15.42
CA TYR A 513 -25.13 -6.22 16.10
C TYR A 513 -24.27 -7.49 15.90
N SER A 514 -24.00 -8.19 17.01
CA SER A 514 -23.25 -9.47 17.00
C SER A 514 -23.78 -10.38 18.11
N HIS A 515 -24.16 -11.59 17.72
CA HIS A 515 -24.76 -12.60 18.64
C HIS A 515 -24.84 -13.95 17.91
N ASP A 516 -24.13 -14.95 18.44
CA ASP A 516 -24.12 -16.35 17.93
C ASP A 516 -23.69 -16.36 16.46
N GLY A 517 -22.60 -15.68 16.12
CA GLY A 517 -22.04 -15.66 14.75
C GLY A 517 -22.94 -14.95 13.76
N LEU A 518 -24.06 -14.39 14.21
CA LEU A 518 -24.83 -13.40 13.43
C LEU A 518 -24.15 -12.03 13.64
N VAL A 519 -23.62 -11.45 12.57
CA VAL A 519 -22.98 -10.11 12.60
C VAL A 519 -23.60 -9.24 11.51
N ALA A 520 -24.04 -8.03 11.89
CA ALA A 520 -24.59 -6.99 11.01
C ALA A 520 -24.07 -5.63 11.50
N GLY A 521 -23.29 -4.93 10.68
CA GLY A 521 -22.73 -3.61 11.05
C GLY A 521 -22.62 -2.69 9.85
N LEU A 522 -22.65 -1.38 10.14
CA LEU A 522 -22.57 -0.31 9.11
C LEU A 522 -21.86 0.90 9.74
N THR A 523 -20.78 1.38 9.13
CA THR A 523 -20.02 2.54 9.62
C THR A 523 -19.98 3.61 8.53
N TYR A 524 -20.24 4.86 8.95
CA TYR A 524 -19.98 6.09 8.17
C TYR A 524 -18.63 6.67 8.62
N PHE A 525 -17.80 7.07 7.67
CA PHE A 525 -16.47 7.68 7.92
C PHE A 525 -16.31 8.93 7.06
N ARG A 526 -15.76 9.99 7.63
CA ARG A 526 -15.38 11.22 6.88
C ARG A 526 -14.00 11.67 7.37
N ASN A 527 -13.04 11.76 6.44
CA ASN A 527 -11.69 12.31 6.69
C ASN A 527 -11.60 13.69 6.04
N ASP A 528 -11.49 14.74 6.86
CA ASP A 528 -11.23 16.13 6.38
C ASP A 528 -9.72 16.31 6.26
N TYR A 529 -9.25 16.54 5.04
CA TYR A 529 -7.84 16.34 4.61
C TYR A 529 -7.18 17.70 4.33
N LYS A 530 -6.25 18.13 5.19
CA LYS A 530 -5.57 19.46 5.14
C LYS A 530 -4.12 19.30 4.63
N ASN A 531 -3.76 20.09 3.61
CA ASN A 531 -2.35 20.32 3.20
C ASN A 531 -1.82 19.13 2.40
N LYS A 532 -2.70 18.35 1.78
CA LYS A 532 -2.30 17.28 0.83
C LYS A 532 -1.21 17.85 -0.09
N ILE A 533 -0.02 17.23 -0.12
CA ILE A 533 1.15 17.65 -0.93
C ILE A 533 1.01 17.08 -2.36
N GLU A 534 1.35 17.90 -3.36
CA GLU A 534 0.96 17.67 -4.77
C GLU A 534 1.69 18.69 -5.66
N SER A 535 1.92 18.37 -6.93
CA SER A 535 2.61 19.27 -7.89
C SER A 535 1.84 20.59 -7.93
N GLY A 536 2.52 21.73 -7.82
CA GLY A 536 1.88 23.04 -7.65
C GLY A 536 1.09 23.48 -8.88
N LEU A 537 0.28 24.53 -8.74
CA LEU A 537 -0.63 25.04 -9.82
C LEU A 537 -0.16 26.40 -10.35
N SER A 538 0.52 27.22 -9.54
CA SER A 538 1.09 28.53 -9.92
C SER A 538 2.62 28.49 -9.91
N PRO A 539 3.28 29.06 -10.93
CA PRO A 539 4.71 29.33 -10.87
C PRO A 539 5.04 30.21 -9.65
N VAL A 540 6.02 29.82 -8.85
CA VAL A 540 6.55 30.66 -7.72
C VAL A 540 7.61 31.60 -8.30
N ASP A 541 8.22 31.24 -9.43
CA ASP A 541 9.41 31.91 -9.99
C ASP A 541 9.54 31.59 -11.48
N HIS A 542 10.59 32.09 -12.12
CA HIS A 542 10.96 31.78 -13.53
C HIS A 542 12.49 31.63 -13.62
N ALA A 543 12.97 30.52 -14.16
CA ALA A 543 14.41 30.29 -14.42
C ALA A 543 14.90 31.34 -15.42
N SER A 544 16.21 31.39 -15.67
CA SER A 544 16.82 32.35 -16.63
C SER A 544 17.74 31.59 -17.60
N GLY A 545 17.58 31.88 -18.89
CA GLY A 545 18.46 31.34 -19.95
C GLY A 545 17.86 30.10 -20.55
N GLY A 546 18.67 29.27 -21.21
CA GLY A 546 18.19 28.06 -21.89
C GLY A 546 17.98 28.31 -23.37
N LYS A 547 17.25 27.43 -24.05
CA LYS A 547 17.24 27.32 -25.53
C LYS A 547 15.86 27.68 -26.10
N GLY A 548 15.83 28.66 -27.02
CA GLY A 548 14.68 28.99 -27.88
C GLY A 548 13.42 29.29 -27.09
N ASP A 549 12.30 28.67 -27.48
CA ASP A 549 10.94 28.97 -26.95
C ASP A 549 10.79 28.36 -25.55
N TYR A 550 11.70 27.45 -25.16
CA TYR A 550 11.76 26.76 -23.85
C TYR A 550 12.49 27.61 -22.77
N ALA A 551 13.24 28.63 -23.18
CA ALA A 551 14.07 29.48 -22.29
C ALA A 551 13.20 30.10 -21.19
N ASN A 552 13.81 30.40 -20.05
CA ASN A 552 13.21 31.15 -18.92
C ASN A 552 11.94 30.45 -18.44
N ALA A 553 11.98 29.13 -18.34
CA ALA A 553 10.83 28.26 -17.97
C ALA A 553 10.26 28.71 -16.62
N ALA A 554 8.98 28.42 -16.39
CA ALA A 554 8.32 28.67 -15.10
C ALA A 554 8.78 27.62 -14.09
N ILE A 555 8.88 28.01 -12.81
CA ILE A 555 9.26 27.12 -11.67
C ILE A 555 8.04 26.93 -10.78
N TYR A 556 7.58 25.68 -10.67
CA TYR A 556 6.57 25.24 -9.68
C TYR A 556 7.26 24.41 -8.60
N GLN A 557 6.70 24.40 -7.40
CA GLN A 557 7.14 23.50 -6.31
C GLN A 557 6.05 22.46 -5.99
N TRP A 558 6.40 21.52 -5.13
CA TRP A 558 5.42 20.69 -4.40
C TRP A 558 4.74 21.61 -3.37
N GLU A 559 3.44 21.82 -3.53
CA GLU A 559 2.60 22.69 -2.66
C GLU A 559 1.78 21.81 -1.71
N ASN A 560 1.32 22.42 -0.62
CA ASN A 560 0.25 21.91 0.28
C ASN A 560 -1.09 22.39 -0.27
N VAL A 561 -1.97 21.47 -0.70
CA VAL A 561 -3.39 21.78 -1.05
C VAL A 561 -4.16 22.06 0.24
N PRO A 562 -4.79 23.24 0.38
CA PRO A 562 -5.46 23.62 1.63
C PRO A 562 -6.46 22.57 2.16
N LYS A 563 -7.40 22.13 1.32
CA LYS A 563 -8.51 21.23 1.75
C LYS A 563 -8.80 20.13 0.72
N ALA A 564 -8.97 18.90 1.21
CA ALA A 564 -9.63 17.78 0.49
C ALA A 564 -10.50 16.96 1.47
N VAL A 565 -11.46 16.20 0.93
CA VAL A 565 -12.45 15.39 1.72
C VAL A 565 -12.58 14.01 1.08
N VAL A 566 -12.52 12.97 1.92
CA VAL A 566 -13.05 11.62 1.60
C VAL A 566 -14.12 11.25 2.63
N GLU A 567 -15.02 10.38 2.19
CA GLU A 567 -16.31 10.12 2.84
C GLU A 567 -16.81 8.79 2.26
N GLY A 568 -17.41 7.94 3.08
CA GLY A 568 -18.00 6.69 2.59
C GLY A 568 -18.54 5.82 3.70
N LEU A 569 -18.85 4.58 3.35
CA LEU A 569 -19.61 3.64 4.24
C LEU A 569 -18.90 2.30 4.20
N GLU A 570 -18.72 1.69 5.37
CA GLU A 570 -18.20 0.32 5.50
C GLU A 570 -19.29 -0.51 6.17
N GLY A 571 -19.58 -1.67 5.57
CA GLY A 571 -20.61 -2.58 6.09
C GLY A 571 -20.11 -4.00 6.13
N THR A 572 -20.67 -4.79 7.04
CA THR A 572 -20.42 -6.24 7.12
C THR A 572 -21.74 -6.92 7.49
N LEU A 573 -21.97 -8.14 6.99
CA LEU A 573 -23.16 -8.96 7.36
C LEU A 573 -22.77 -10.44 7.31
N THR A 574 -22.88 -11.15 8.44
CA THR A 574 -22.55 -12.59 8.52
C THR A 574 -23.77 -13.35 9.04
N LEU A 575 -24.29 -14.29 8.25
CA LEU A 575 -25.44 -15.15 8.61
C LEU A 575 -25.00 -16.61 8.58
N PRO A 576 -25.23 -17.35 9.68
CA PRO A 576 -25.13 -18.81 9.68
C PRO A 576 -26.34 -19.49 9.06
N LEU A 577 -26.27 -19.83 7.77
CA LEU A 577 -27.43 -20.42 7.03
C LEU A 577 -27.84 -21.72 7.71
N ALA A 578 -26.89 -22.62 7.97
CA ALA A 578 -27.06 -23.83 8.82
C ALA A 578 -25.75 -24.03 9.60
N ASP A 579 -25.56 -25.20 10.23
CA ASP A 579 -24.40 -25.46 11.11
C ASP A 579 -23.11 -25.52 10.28
N GLY A 580 -23.14 -26.28 9.18
CA GLY A 580 -21.93 -26.43 8.36
C GLY A 580 -21.72 -25.30 7.38
N LEU A 581 -22.43 -24.17 7.48
CA LEU A 581 -22.56 -23.24 6.33
C LEU A 581 -22.64 -21.78 6.82
N LYS A 582 -21.77 -20.93 6.27
CA LYS A 582 -21.60 -19.52 6.71
C LYS A 582 -21.62 -18.60 5.49
N TRP A 583 -22.49 -17.59 5.51
CA TRP A 583 -22.59 -16.55 4.46
C TRP A 583 -22.05 -15.22 4.99
N SER A 584 -20.93 -14.76 4.43
CA SER A 584 -20.19 -13.54 4.87
C SER A 584 -20.23 -12.48 3.78
N ASN A 585 -20.27 -11.21 4.17
CA ASN A 585 -20.23 -10.09 3.20
C ASN A 585 -19.49 -8.93 3.84
N ASN A 586 -18.65 -8.27 3.05
CA ASN A 586 -18.01 -6.98 3.39
C ASN A 586 -18.37 -5.95 2.31
N LEU A 587 -18.81 -4.75 2.71
CA LEU A 587 -19.18 -3.64 1.78
C LEU A 587 -18.31 -2.40 2.00
N THR A 588 -17.71 -1.89 0.93
CA THR A 588 -17.19 -0.50 0.85
C THR A 588 -18.08 0.30 -0.11
N TYR A 589 -18.53 1.48 0.28
CA TYR A 589 -19.21 2.46 -0.61
C TYR A 589 -18.57 3.83 -0.45
N MET A 590 -17.93 4.32 -1.52
CA MET A 590 -17.16 5.60 -1.53
C MET A 590 -18.06 6.75 -1.96
N LEU A 591 -18.50 7.58 -1.00
CA LEU A 591 -19.46 8.67 -1.25
C LEU A 591 -18.77 9.79 -2.00
N GLN A 592 -17.61 10.23 -1.51
CA GLN A 592 -16.90 11.44 -1.99
C GLN A 592 -15.38 11.23 -1.90
N SER A 593 -14.65 11.84 -2.83
CA SER A 593 -13.16 11.90 -2.86
C SER A 593 -12.73 13.13 -3.67
N LYS A 594 -12.44 14.26 -3.00
CA LYS A 594 -12.43 15.59 -3.67
C LYS A 594 -11.26 16.44 -3.19
N ASN A 595 -10.34 16.76 -4.11
CA ASN A 595 -9.43 17.93 -4.03
C ASN A 595 -10.30 19.19 -4.09
N LYS A 596 -10.48 19.88 -2.95
CA LYS A 596 -11.48 20.97 -2.79
C LYS A 596 -10.99 22.24 -3.48
N GLU A 597 -9.71 22.26 -3.90
CA GLU A 597 -9.12 23.37 -4.67
C GLU A 597 -9.56 23.27 -6.13
N THR A 598 -9.27 22.14 -6.79
CA THR A 598 -9.51 21.89 -8.25
C THR A 598 -10.89 21.27 -8.46
N GLY A 599 -11.40 20.56 -7.45
CA GLY A 599 -12.68 19.81 -7.53
C GLY A 599 -12.51 18.46 -8.21
N ASP A 600 -11.30 18.09 -8.63
CA ASP A 600 -11.02 16.77 -9.25
C ASP A 600 -10.93 15.74 -8.12
N VAL A 601 -11.02 14.45 -8.47
CA VAL A 601 -10.92 13.32 -7.50
C VAL A 601 -9.45 13.19 -7.04
N LEU A 602 -9.21 12.62 -5.85
CA LEU A 602 -7.86 12.32 -5.32
C LEU A 602 -7.33 11.02 -5.96
N SER A 603 -8.00 9.91 -5.64
CA SER A 603 -7.77 8.53 -6.13
C SER A 603 -8.80 8.27 -7.23
N VAL A 604 -8.71 7.14 -7.94
CA VAL A 604 -9.85 6.53 -8.67
C VAL A 604 -10.18 5.21 -7.96
N THR A 605 -11.35 5.09 -7.35
CA THR A 605 -11.83 3.84 -6.71
C THR A 605 -13.13 3.42 -7.37
N PRO A 606 -13.56 2.16 -7.16
CA PRO A 606 -14.90 1.76 -7.59
C PRO A 606 -15.90 2.39 -6.61
N ARG A 607 -17.03 2.86 -7.12
CA ARG A 607 -18.04 3.56 -6.29
C ARG A 607 -18.34 2.69 -5.06
N TYR A 608 -18.49 1.38 -5.27
CA TYR A 608 -18.70 0.39 -4.19
C TYR A 608 -17.96 -0.90 -4.51
N THR A 609 -17.88 -1.76 -3.50
CA THR A 609 -17.23 -3.08 -3.54
C THR A 609 -17.92 -3.96 -2.50
N LEU A 610 -18.52 -5.05 -2.97
CA LEU A 610 -19.18 -6.09 -2.15
C LEU A 610 -18.40 -7.39 -2.34
N ASN A 611 -17.78 -7.91 -1.28
CA ASN A 611 -17.15 -9.26 -1.31
C ASN A 611 -18.06 -10.21 -0.54
N SER A 612 -18.39 -11.33 -1.17
CA SER A 612 -19.38 -12.31 -0.67
C SER A 612 -18.78 -13.71 -0.67
N MET A 613 -18.58 -14.33 0.50
CA MET A 613 -18.16 -15.74 0.60
C MET A 613 -19.31 -16.60 1.17
N LEU A 614 -19.58 -17.73 0.52
CA LEU A 614 -20.32 -18.87 1.10
C LEU A 614 -19.28 -19.91 1.52
N ASP A 615 -19.23 -20.26 2.80
CA ASP A 615 -18.30 -21.29 3.33
C ASP A 615 -19.11 -22.50 3.82
N TRP A 616 -19.04 -23.60 3.07
CA TRP A 616 -19.66 -24.92 3.38
C TRP A 616 -18.60 -25.86 3.96
N GLN A 617 -18.81 -26.31 5.21
CA GLN A 617 -17.98 -27.34 5.87
C GLN A 617 -18.55 -28.72 5.51
N ALA A 618 -18.59 -29.04 4.21
CA ALA A 618 -19.26 -30.22 3.62
C ALA A 618 -19.07 -31.49 4.48
N THR A 619 -17.84 -31.80 4.92
CA THR A 619 -17.54 -32.97 5.80
C THR A 619 -16.58 -32.56 6.92
N ASP A 620 -16.33 -33.48 7.85
CA ASP A 620 -15.25 -33.36 8.87
C ASP A 620 -13.96 -32.95 8.17
N ASP A 621 -13.79 -33.36 6.90
CA ASP A 621 -12.50 -33.27 6.18
C ASP A 621 -12.59 -32.32 4.97
N LEU A 622 -13.76 -32.13 4.35
CA LEU A 622 -13.89 -31.37 3.09
C LEU A 622 -14.60 -30.03 3.34
N SER A 623 -13.94 -28.93 3.00
CA SER A 623 -14.48 -27.54 3.07
C SER A 623 -14.57 -26.99 1.66
N LEU A 624 -15.61 -26.21 1.38
CA LEU A 624 -15.90 -25.67 0.03
C LEU A 624 -16.19 -24.18 0.16
N GLN A 625 -15.72 -23.38 -0.79
CA GLN A 625 -15.90 -21.90 -0.75
C GLN A 625 -16.32 -21.43 -2.14
N ALA A 626 -17.44 -20.71 -2.21
CA ALA A 626 -17.85 -19.86 -3.34
C ALA A 626 -17.69 -18.39 -2.94
N THR A 627 -17.12 -17.57 -3.82
CA THR A 627 -16.99 -16.11 -3.57
C THR A 627 -17.53 -15.33 -4.77
N VAL A 628 -18.06 -14.14 -4.50
CA VAL A 628 -18.28 -13.09 -5.54
C VAL A 628 -17.81 -11.75 -5.00
N THR A 629 -17.14 -11.00 -5.88
CA THR A 629 -16.83 -9.57 -5.73
C THR A 629 -17.55 -8.76 -6.82
N TRP A 630 -18.37 -7.81 -6.39
CA TRP A 630 -19.02 -6.78 -7.25
C TRP A 630 -18.25 -5.48 -7.09
N TYR A 631 -17.75 -4.96 -8.21
CA TYR A 631 -17.13 -3.62 -8.32
C TYR A 631 -18.14 -2.67 -8.97
N GLY A 632 -18.43 -1.55 -8.30
CA GLY A 632 -19.17 -0.41 -8.86
C GLY A 632 -18.42 0.28 -9.98
N LYS A 633 -19.09 1.24 -10.61
CA LYS A 633 -18.57 2.17 -11.65
C LYS A 633 -17.23 2.77 -11.18
N GLN A 634 -16.36 3.11 -12.13
CA GLN A 634 -15.09 3.84 -11.89
C GLN A 634 -15.03 4.99 -12.89
N LYS A 635 -14.86 6.24 -12.42
CA LYS A 635 -14.83 7.50 -13.23
C LYS A 635 -13.42 8.09 -13.21
N PRO A 636 -12.84 8.49 -14.37
CA PRO A 636 -11.53 9.15 -14.39
C PRO A 636 -11.58 10.60 -13.92
N LYS A 637 -10.40 11.21 -13.70
CA LYS A 637 -10.24 12.66 -13.41
C LYS A 637 -10.90 13.46 -14.55
N LYS A 638 -11.38 14.67 -14.23
CA LYS A 638 -12.03 15.61 -15.18
C LYS A 638 -11.00 16.53 -15.85
N TYR A 639 -9.85 16.79 -15.19
CA TYR A 639 -8.88 17.82 -15.60
C TYR A 639 -7.55 17.18 -15.98
N ASP A 640 -6.89 17.71 -17.01
CA ASP A 640 -5.57 17.23 -17.48
C ASP A 640 -4.49 17.97 -16.68
N TYR A 641 -3.23 17.85 -17.12
CA TYR A 641 -2.08 18.38 -16.37
C TYR A 641 -2.09 19.92 -16.47
N HIS A 642 -2.81 20.44 -17.46
CA HIS A 642 -2.93 21.91 -17.73
C HIS A 642 -3.95 22.51 -16.76
N GLY A 643 -4.85 21.66 -16.24
CA GLY A 643 -6.03 22.03 -15.44
C GLY A 643 -7.25 22.23 -16.32
N ASP A 644 -7.12 21.97 -17.63
CA ASP A 644 -8.19 22.06 -18.64
C ASP A 644 -9.01 20.75 -18.65
N ARG A 645 -10.26 20.81 -19.10
CA ARG A 645 -11.22 19.68 -19.12
C ARG A 645 -10.81 18.69 -20.22
N VAL A 646 -10.75 17.40 -19.88
CA VAL A 646 -10.39 16.31 -20.84
C VAL A 646 -11.60 16.03 -21.74
N THR A 647 -11.36 15.40 -22.89
CA THR A 647 -12.33 15.20 -24.01
C THR A 647 -12.15 13.80 -24.62
N GLY A 648 -13.13 13.34 -25.40
CA GLY A 648 -13.06 12.03 -26.08
C GLY A 648 -12.82 10.88 -25.09
N SER A 649 -11.97 9.92 -25.45
CA SER A 649 -11.79 8.63 -24.73
C SER A 649 -11.11 8.86 -23.36
N ALA A 650 -10.72 10.09 -23.03
CA ALA A 650 -10.21 10.45 -21.69
C ALA A 650 -11.36 10.47 -20.67
N ASN A 651 -12.62 10.44 -21.14
CA ASN A 651 -13.83 10.50 -20.28
C ASN A 651 -14.39 9.10 -20.04
N ASP A 652 -13.86 8.08 -20.73
CA ASP A 652 -14.35 6.69 -20.65
C ASP A 652 -14.43 6.28 -19.17
N GLN A 653 -15.52 5.59 -18.82
CA GLN A 653 -15.76 5.05 -17.45
C GLN A 653 -15.76 3.53 -17.55
N LEU A 654 -15.45 2.81 -16.46
CA LEU A 654 -15.61 1.34 -16.39
C LEU A 654 -16.95 1.04 -15.73
N SER A 655 -17.79 0.29 -16.46
CA SER A 655 -19.10 -0.21 -15.99
C SER A 655 -18.88 -1.09 -14.77
N PRO A 656 -19.87 -1.18 -13.85
CA PRO A 656 -19.83 -2.18 -12.78
C PRO A 656 -19.65 -3.57 -13.38
N TYR A 657 -18.90 -4.42 -12.69
CA TYR A 657 -18.68 -5.83 -13.08
C TYR A 657 -18.46 -6.68 -11.83
N ALA A 658 -18.68 -7.98 -11.96
CA ALA A 658 -18.49 -8.95 -10.85
C ALA A 658 -17.51 -10.06 -11.27
N ILE A 659 -16.81 -10.60 -10.27
CA ILE A 659 -15.82 -11.71 -10.39
C ILE A 659 -16.26 -12.79 -9.42
N ALA A 660 -16.53 -14.01 -9.88
CA ALA A 660 -16.96 -15.14 -9.04
C ALA A 660 -15.82 -16.15 -8.96
N GLY A 661 -15.76 -16.94 -7.89
CA GLY A 661 -14.78 -18.03 -7.72
C GLY A 661 -15.30 -19.16 -6.84
N LEU A 662 -14.94 -20.39 -7.18
CA LEU A 662 -15.12 -21.60 -6.33
C LEU A 662 -13.72 -22.05 -5.91
N GLY A 663 -13.61 -22.62 -4.71
CA GLY A 663 -12.43 -23.37 -4.26
C GLY A 663 -12.81 -24.44 -3.26
N GLY A 664 -11.84 -25.23 -2.82
CA GLY A 664 -12.04 -26.20 -1.73
C GLY A 664 -10.71 -26.58 -1.14
N THR A 665 -10.72 -27.15 0.07
CA THR A 665 -9.54 -27.76 0.75
C THR A 665 -9.94 -29.14 1.28
N TYR A 666 -9.29 -30.19 0.76
CA TYR A 666 -9.50 -31.59 1.20
C TYR A 666 -8.33 -32.03 2.09
N ARG A 667 -8.60 -32.14 3.38
CA ARG A 667 -7.64 -32.57 4.43
C ARG A 667 -7.45 -34.09 4.31
N LEU A 668 -6.24 -34.54 3.93
CA LEU A 668 -5.88 -35.97 3.76
C LEU A 668 -5.47 -36.54 5.12
N SER A 669 -4.99 -35.70 6.05
CA SER A 669 -4.55 -36.12 7.41
C SER A 669 -4.19 -34.88 8.23
N LYS A 670 -3.85 -35.08 9.50
CA LYS A 670 -3.22 -34.06 10.38
C LYS A 670 -2.01 -33.40 9.70
N ASN A 671 -1.35 -34.12 8.78
CA ASN A 671 -0.01 -33.76 8.25
C ASN A 671 -0.10 -33.22 6.82
N LEU A 672 -1.23 -33.39 6.13
CA LEU A 672 -1.35 -33.07 4.68
C LEU A 672 -2.75 -32.55 4.35
N SER A 673 -2.81 -31.37 3.71
CA SER A 673 -4.05 -30.78 3.12
C SER A 673 -3.79 -30.40 1.66
N LEU A 674 -4.81 -30.55 0.81
CA LEU A 674 -4.76 -30.16 -0.63
C LEU A 674 -5.85 -29.12 -0.87
N GLY A 675 -5.57 -28.13 -1.72
CA GLY A 675 -6.53 -27.12 -2.16
C GLY A 675 -6.60 -27.09 -3.67
N ALA A 676 -7.72 -26.61 -4.22
CA ALA A 676 -7.96 -26.44 -5.67
C ALA A 676 -9.17 -25.53 -5.85
N GLY A 677 -9.18 -24.73 -6.92
CA GLY A 677 -10.34 -23.90 -7.27
C GLY A 677 -10.13 -23.12 -8.55
N VAL A 678 -11.00 -22.14 -8.78
CA VAL A 678 -11.02 -21.28 -9.98
C VAL A 678 -11.34 -19.85 -9.52
N ASP A 679 -10.44 -18.92 -9.79
CA ASP A 679 -10.71 -17.46 -9.74
C ASP A 679 -11.39 -17.06 -11.06
N ASN A 680 -12.31 -16.10 -11.01
CA ASN A 680 -13.00 -15.52 -12.20
C ASN A 680 -13.62 -16.62 -13.07
N LEU A 681 -14.55 -17.37 -12.49
CA LEU A 681 -15.33 -18.47 -13.15
C LEU A 681 -15.79 -18.10 -14.56
N PHE A 682 -16.43 -16.93 -14.73
CA PHE A 682 -17.09 -16.49 -15.99
C PHE A 682 -16.17 -15.60 -16.85
N ASP A 683 -14.86 -15.61 -16.58
CA ASP A 683 -13.81 -15.03 -17.46
C ASP A 683 -14.10 -13.56 -17.78
N LYS A 684 -14.61 -12.77 -16.81
CA LYS A 684 -14.72 -11.31 -17.01
C LYS A 684 -13.31 -10.70 -17.06
N ARG A 685 -12.93 -10.07 -18.18
CA ARG A 685 -11.55 -9.54 -18.36
C ARG A 685 -11.57 -8.04 -18.66
N LEU A 686 -10.59 -7.31 -18.14
CA LEU A 686 -10.37 -5.89 -18.46
C LEU A 686 -8.91 -5.71 -18.84
N PHE A 687 -8.63 -4.64 -19.60
CA PHE A 687 -7.38 -4.39 -20.34
C PHE A 687 -6.97 -2.94 -20.14
N ARG A 688 -5.70 -2.71 -19.81
CA ARG A 688 -5.14 -1.33 -19.67
C ARG A 688 -5.07 -0.75 -21.07
N ALA A 689 -5.76 0.37 -21.32
CA ALA A 689 -5.80 1.09 -22.61
C ALA A 689 -4.72 2.18 -22.64
N GLY A 690 -4.16 2.46 -21.47
CA GLY A 690 -3.14 3.52 -21.27
C GLY A 690 -3.46 4.35 -20.05
N ASN A 691 -2.93 5.57 -20.02
CA ASN A 691 -3.14 6.54 -18.92
C ASN A 691 -4.50 7.20 -19.16
N ALA A 692 -4.91 8.04 -18.21
CA ALA A 692 -6.29 8.55 -18.06
C ALA A 692 -6.59 9.66 -19.08
N GLN A 693 -5.60 10.49 -19.39
CA GLN A 693 -5.83 11.71 -20.21
C GLN A 693 -5.14 11.57 -21.57
N GLY A 694 -5.53 12.41 -22.53
CA GLY A 694 -4.82 12.52 -23.81
C GLY A 694 -3.46 13.19 -23.63
N VAL A 695 -2.46 12.72 -24.37
CA VAL A 695 -1.22 13.48 -24.72
C VAL A 695 -1.12 13.49 -26.25
N VAL A 696 -0.14 14.20 -26.82
CA VAL A 696 0.05 14.25 -28.31
C VAL A 696 0.41 12.85 -28.82
N GLY A 697 -0.44 12.27 -29.67
CA GLY A 697 -0.20 10.96 -30.34
C GLY A 697 -0.65 9.79 -29.50
N ILE A 698 -0.96 9.99 -28.21
CA ILE A 698 -1.49 8.93 -27.30
C ILE A 698 -2.80 9.43 -26.66
N ASP A 699 -3.94 9.09 -27.26
CA ASP A 699 -5.29 9.33 -26.68
C ASP A 699 -5.29 8.75 -25.27
N GLY A 700 -6.07 9.37 -24.38
CA GLY A 700 -6.34 8.87 -23.01
C GLY A 700 -7.17 7.60 -23.03
N ALA A 701 -7.22 6.91 -21.89
CA ALA A 701 -7.93 5.63 -21.66
C ALA A 701 -8.92 5.76 -20.50
N GLY A 702 -9.08 6.97 -19.94
CA GLY A 702 -9.99 7.27 -18.81
C GLY A 702 -9.74 6.34 -17.63
N ALA A 703 -10.77 5.61 -17.21
CA ALA A 703 -10.63 4.74 -16.02
C ALA A 703 -10.11 3.36 -16.42
N ALA A 704 -9.83 3.12 -17.70
CA ALA A 704 -9.38 1.78 -18.18
C ALA A 704 -7.86 1.72 -18.08
N THR A 705 -7.31 1.71 -16.86
CA THR A 705 -5.85 1.89 -16.61
C THR A 705 -5.17 0.62 -16.04
N TYR A 706 -5.91 -0.47 -15.86
CA TYR A 706 -5.40 -1.72 -15.25
C TYR A 706 -5.95 -2.94 -16.01
N ASN A 707 -5.25 -4.05 -15.88
CA ASN A 707 -5.60 -5.38 -16.44
C ASN A 707 -6.29 -6.22 -15.36
N GLU A 708 -7.53 -6.65 -15.61
CA GLU A 708 -8.21 -7.66 -14.74
C GLU A 708 -8.00 -9.02 -15.40
N PRO A 709 -7.36 -9.98 -14.69
CA PRO A 709 -7.06 -11.29 -15.28
C PRO A 709 -8.35 -12.10 -15.47
N GLY A 710 -8.32 -13.06 -16.39
CA GLY A 710 -9.48 -13.93 -16.69
C GLY A 710 -9.54 -15.15 -15.78
N ARG A 711 -10.28 -16.17 -16.22
CA ARG A 711 -10.38 -17.48 -15.53
C ARG A 711 -8.97 -18.00 -15.28
N THR A 712 -8.75 -18.51 -14.06
CA THR A 712 -7.44 -19.00 -13.57
C THR A 712 -7.68 -20.17 -12.61
N PHE A 713 -7.28 -21.38 -12.99
CA PHE A 713 -7.32 -22.56 -12.09
C PHE A 713 -6.11 -22.45 -11.17
N TYR A 714 -6.19 -23.01 -9.96
CA TYR A 714 -5.09 -22.99 -8.97
C TYR A 714 -5.17 -24.28 -8.17
N THR A 715 -4.02 -24.76 -7.70
CA THR A 715 -3.92 -25.93 -6.79
C THR A 715 -2.89 -25.62 -5.70
N SER A 716 -2.99 -26.28 -4.55
CA SER A 716 -2.15 -25.98 -3.37
C SER A 716 -1.98 -27.26 -2.57
N LEU A 717 -0.92 -27.31 -1.76
CA LEU A 717 -0.55 -28.46 -0.91
C LEU A 717 0.17 -27.92 0.33
N THR A 718 -0.29 -28.27 1.53
CA THR A 718 0.33 -27.89 2.83
C THR A 718 0.59 -29.14 3.67
N ALA A 719 1.88 -29.45 3.89
CA ALA A 719 2.35 -30.53 4.80
C ALA A 719 2.95 -29.88 6.05
N SER A 720 2.52 -30.33 7.23
CA SER A 720 2.85 -29.67 8.51
C SER A 720 2.80 -30.69 9.65
N PHE A 721 3.78 -30.55 10.55
CA PHE A 721 3.83 -31.12 11.92
C PHE A 721 3.67 -29.94 12.89
#